data_2QGA
#
_entry.id   2QGA
#
_cell.length_a   118.247
_cell.length_b   179.545
_cell.length_c   68.575
_cell.angle_alpha   90.00
_cell.angle_beta   99.37
_cell.angle_gamma   90.00
#
_symmetry.space_group_name_H-M   'C 1 2 1'
#
loop_
_entity.id
_entity.type
_entity.pdbx_description
1 polymer 'Adenylosuccinate lyase'
2 non-polymer 'CALCIUM ION'
3 non-polymer 'SULFATE ION'
4 non-polymer 'ADENOSINE MONOPHOSPHATE'
5 water water
#
_entity_poly.entity_id   1
_entity_poly.type   'polypeptide(L)'
_entity_poly.pdbx_seq_one_letter_code
;GSEHLKNISPIDGRYKKACGELSAFFSEHALIKHRIIVEVRWLLFLNEEELFFEKVTDHSVEVLNQIATNITDSDIARVK
AIEEETNHDVKAVEYFVKEKLKNSKREDLLKIKEYVHYLCTSEDINNVAYATCLKACLNDVVIPCLEKIMLKLKDLAVEY
SHVPLLSRTHGQPASSTTFGKEMANFYARIHHHVGVIRRVKVCAKFNGAVGNFNAHKVASKDTDWVNTIGLFLKKHFNLT
YSIYCTQIQDHDYICELCDGLARANGTLIDLCVDIWLYISNNLLKLKVKEKEVGSSTMPHKVNPIDFENAEGNLHIANAF
FKLFSSKLPTSRLQRDLSDSTVLRNIGSSLAYCLIAYKSVLKGLNKIDIDRRNLEEELNQNWSTLAEPIQIVMKRHNYVD
AYEELKQFTRGKVIDQKIMQEFIKTKCAFLPQDVVDQLLELTPATYTGYADYLAKNVERLSGERD
;
_entity_poly.pdbx_strand_id   B,C
#
loop_
_chem_comp.id
_chem_comp.type
_chem_comp.name
_chem_comp.formula
AMP non-polymer 'ADENOSINE MONOPHOSPHATE' 'C10 H14 N5 O7 P'
CA non-polymer 'CALCIUM ION' 'Ca 2'
SO4 non-polymer 'SULFATE ION' 'O4 S -2'
#
# COMPACT_ATOMS: atom_id res chain seq x y z
N GLU A 3 4.22 -33.48 19.33
N GLU A 3 5.23 -33.23 20.07
CA GLU A 3 4.35 -32.61 20.55
CA GLU A 3 5.04 -32.12 21.07
C GLU A 3 4.22 -31.11 20.20
C GLU A 3 4.59 -30.81 20.40
N HIS A 4 4.85 -30.70 19.10
CA HIS A 4 4.47 -29.52 18.40
C HIS A 4 2.98 -29.69 17.99
N LEU A 5 2.47 -30.93 18.05
CA LEU A 5 1.05 -31.22 17.77
C LEU A 5 0.14 -30.65 18.84
N LYS A 6 0.70 -30.29 19.99
CA LYS A 6 -0.13 -29.69 21.05
C LYS A 6 -0.15 -28.17 20.96
N ASN A 7 0.58 -27.61 20.00
CA ASN A 7 0.55 -26.17 19.79
C ASN A 7 -0.81 -25.74 19.25
N ILE A 8 -1.24 -24.55 19.65
CA ILE A 8 -2.57 -24.03 19.29
C ILE A 8 -2.57 -23.42 17.89
N SER A 9 -1.55 -22.63 17.58
CA SER A 9 -1.38 -22.02 16.27
C SER A 9 -0.96 -23.02 15.20
N PRO A 10 -1.68 -23.05 14.06
CA PRO A 10 -1.28 -23.98 12.99
C PRO A 10 0.13 -23.70 12.43
N ILE A 11 0.62 -22.48 12.64
CA ILE A 11 1.97 -22.02 12.27
C ILE A 11 3.05 -22.89 12.94
N ASP A 12 2.87 -23.10 14.23
CA ASP A 12 3.79 -23.94 14.99
C ASP A 12 3.29 -25.38 15.19
N GLY A 13 2.13 -25.70 14.63
CA GLY A 13 1.63 -27.07 14.70
C GLY A 13 1.64 -27.73 13.35
N ARG A 14 0.47 -27.81 12.69
CA ARG A 14 0.35 -28.59 11.43
C ARG A 14 1.33 -28.13 10.35
N TYR A 15 1.57 -26.81 10.25
CA TYR A 15 2.38 -26.26 9.17
C TYR A 15 3.83 -25.90 9.57
N LYS A 16 4.27 -26.39 10.73
CA LYS A 16 5.62 -26.07 11.22
C LYS A 16 6.68 -26.36 10.17
N LYS A 17 6.55 -27.48 9.46
CA LYS A 17 7.51 -27.91 8.45
C LYS A 17 7.67 -26.87 7.32
N ALA A 18 6.54 -26.32 6.88
CA ALA A 18 6.51 -25.35 5.78
C ALA A 18 7.01 -23.96 6.14
N CYS A 19 7.06 -23.61 7.41
CA CYS A 19 7.43 -22.24 7.74
C CYS A 19 8.52 -22.12 8.80
N GLY A 20 9.10 -23.24 9.21
CA GLY A 20 10.07 -23.28 10.30
C GLY A 20 11.28 -22.40 10.12
N GLU A 21 11.71 -22.19 8.87
CA GLU A 21 12.84 -21.28 8.60
C GLU A 21 12.57 -19.83 9.05
N LEU A 22 11.30 -19.49 9.28
CA LEU A 22 10.97 -18.18 9.82
C LEU A 22 11.37 -17.97 11.27
N SER A 23 11.50 -19.02 12.08
CA SER A 23 11.80 -18.77 13.51
C SER A 23 13.15 -18.05 13.77
N ALA A 24 14.10 -18.15 12.84
CA ALA A 24 15.38 -17.41 12.92
C ALA A 24 15.21 -15.89 12.84
N PHE A 25 14.04 -15.46 12.33
CA PHE A 25 13.75 -14.05 12.07
C PHE A 25 12.74 -13.59 13.12
N PHE A 26 11.78 -14.45 13.43
CA PHE A 26 10.65 -14.08 14.25
C PHE A 26 10.30 -15.22 15.17
N SER A 27 10.63 -15.04 16.42
CA SER A 27 10.25 -15.89 17.54
C SER A 27 10.81 -15.08 18.67
N GLU A 28 10.41 -15.36 19.89
CA GLU A 28 11.00 -14.60 20.98
C GLU A 28 12.50 -14.84 21.12
N HIS A 29 12.94 -16.07 20.82
CA HIS A 29 14.35 -16.41 20.79
C HIS A 29 15.10 -15.51 19.78
N ALA A 30 14.57 -15.37 18.57
CA ALA A 30 15.19 -14.48 17.55
C ALA A 30 15.23 -13.02 18.01
N LEU A 31 14.18 -12.57 18.67
CA LEU A 31 14.08 -11.17 19.12
C LEU A 31 15.10 -10.92 20.23
N ILE A 32 15.21 -11.88 21.17
CA ILE A 32 16.19 -11.80 22.27
C ILE A 32 17.59 -11.75 21.68
N LYS A 33 17.86 -12.62 20.72
CA LYS A 33 19.14 -12.71 20.09
C LYS A 33 19.49 -11.40 19.42
N HIS A 34 18.52 -10.82 18.72
CA HIS A 34 18.85 -9.59 17.99
C HIS A 34 18.97 -8.36 18.87
N ARG A 35 18.26 -8.35 19.97
CA ARG A 35 18.39 -7.30 20.95
C ARG A 35 19.81 -7.29 21.55
N ILE A 36 20.29 -8.46 21.94
CA ILE A 36 21.67 -8.64 22.41
C ILE A 36 22.66 -8.10 21.39
N ILE A 37 22.44 -8.42 20.12
CA ILE A 37 23.32 -7.95 19.03
C ILE A 37 23.32 -6.43 18.90
N VAL A 38 22.14 -5.81 18.97
CA VAL A 38 22.04 -4.34 18.89
C VAL A 38 22.79 -3.71 20.08
N GLU A 39 22.54 -4.19 21.29
CA GLU A 39 23.26 -3.69 22.49
C GLU A 39 24.79 -3.76 22.33
N VAL A 40 25.30 -4.89 21.86
CA VAL A 40 26.73 -5.12 21.67
C VAL A 40 27.29 -4.18 20.62
N ARG A 41 26.62 -4.07 19.46
CA ARG A 41 27.05 -3.12 18.43
C ARG A 41 26.99 -1.64 18.83
N TRP A 42 26.04 -1.23 19.66
CA TRP A 42 26.04 0.14 20.21
C TRP A 42 27.30 0.41 21.05
N LEU A 43 27.65 -0.54 21.92
CA LEU A 43 28.85 -0.40 22.76
C LEU A 43 30.09 -0.41 21.87
N LEU A 44 30.13 -1.33 20.91
CA LEU A 44 31.23 -1.32 19.91
C LEU A 44 31.36 0.02 19.21
N PHE A 45 30.21 0.60 18.85
CA PHE A 45 30.18 1.91 18.21
C PHE A 45 30.67 3.04 19.16
N LEU A 46 30.21 3.06 20.40
CA LEU A 46 30.74 4.04 21.38
C LEU A 46 32.27 3.90 21.56
N ASN A 47 32.74 2.66 21.56
CA ASN A 47 34.19 2.37 21.59
C ASN A 47 34.96 2.90 20.36
N GLU A 48 34.46 2.62 19.14
CA GLU A 48 34.98 3.18 17.88
C GLU A 48 35.05 4.70 17.94
N GLU A 49 33.99 5.32 18.46
CA GLU A 49 33.86 6.77 18.40
C GLU A 49 34.61 7.51 19.54
N GLU A 50 34.87 6.79 20.63
CA GLU A 50 35.54 7.31 21.84
C GLU A 50 34.85 8.53 22.42
N LEU A 51 33.52 8.50 22.40
CA LEU A 51 32.73 9.64 22.85
C LEU A 51 32.75 9.80 24.38
N PHE A 52 32.97 8.69 25.09
CA PHE A 52 32.84 8.66 26.55
C PHE A 52 33.99 7.95 27.27
N PHE A 53 34.79 7.20 26.53
CA PHE A 53 35.93 6.48 27.10
C PHE A 53 36.92 6.22 25.97
N GLU A 54 38.16 5.91 26.32
CA GLU A 54 39.17 5.63 25.29
C GLU A 54 39.04 4.18 24.78
N LYS A 55 39.36 3.97 23.51
CA LYS A 55 39.28 2.65 22.88
C LYS A 55 39.83 1.58 23.81
N VAL A 56 39.04 0.56 24.09
CA VAL A 56 39.54 -0.60 24.83
C VAL A 56 40.57 -1.39 24.02
N THR A 57 41.15 -2.42 24.64
CA THR A 57 42.18 -3.24 24.02
C THR A 57 41.63 -4.04 22.85
N ASP A 58 42.49 -4.25 21.85
CA ASP A 58 42.15 -5.02 20.65
C ASP A 58 41.44 -6.34 21.00
N HIS A 59 41.98 -7.07 21.97
CA HIS A 59 41.38 -8.33 22.35
C HIS A 59 40.06 -8.13 23.10
N SER A 60 39.94 -7.03 23.83
CA SER A 60 38.69 -6.73 24.53
C SER A 60 37.53 -6.44 23.58
N VAL A 61 37.82 -5.86 22.41
CA VAL A 61 36.81 -5.68 21.38
C VAL A 61 36.40 -6.99 20.68
N GLU A 62 37.31 -7.98 20.66
CA GLU A 62 37.05 -9.35 20.18
C GLU A 62 36.12 -10.05 21.15
N VAL A 63 36.38 -9.89 22.44
CA VAL A 63 35.58 -10.47 23.52
C VAL A 63 34.15 -9.87 23.55
N LEU A 64 34.09 -8.54 23.44
CA LEU A 64 32.81 -7.86 23.27
C LEU A 64 32.02 -8.39 22.07
N ASN A 65 32.64 -8.46 20.89
CA ASN A 65 31.95 -8.94 19.70
C ASN A 65 31.41 -10.39 19.85
N GLN A 66 32.11 -11.21 20.64
CA GLN A 66 31.75 -12.61 20.81
C GLN A 66 30.52 -12.81 21.69
N ILE A 67 30.18 -11.80 22.50
CA ILE A 67 28.90 -11.81 23.23
C ILE A 67 27.81 -11.83 22.17
N ALA A 68 28.02 -11.12 21.05
CA ALA A 68 27.01 -11.04 19.98
C ALA A 68 27.07 -12.19 18.96
N THR A 69 28.25 -12.74 18.72
CA THR A 69 28.44 -13.68 17.61
C THR A 69 28.30 -15.12 18.07
N ASN A 70 28.16 -15.33 19.37
CA ASN A 70 27.92 -16.66 19.88
C ASN A 70 26.83 -16.66 20.95
N ILE A 71 25.59 -16.45 20.51
CA ILE A 71 24.44 -16.46 21.41
C ILE A 71 23.82 -17.85 21.34
N THR A 72 23.55 -18.45 22.49
CA THR A 72 23.15 -19.86 22.58
C THR A 72 21.78 -19.95 23.18
N ASP A 73 21.20 -21.17 23.20
CA ASP A 73 19.92 -21.37 23.86
C ASP A 73 20.03 -21.03 25.36
N SER A 74 21.17 -21.40 25.95
CA SER A 74 21.48 -21.05 27.33
C SER A 74 21.40 -19.54 27.63
N ASP A 75 22.04 -18.74 26.78
CA ASP A 75 21.97 -17.27 26.85
C ASP A 75 20.52 -16.79 26.81
N ILE A 76 19.71 -17.43 25.96
CA ILE A 76 18.32 -17.05 25.82
C ILE A 76 17.54 -17.36 27.10
N ALA A 77 17.78 -18.54 27.68
CA ALA A 77 17.10 -18.95 28.92
C ALA A 77 17.50 -18.03 30.06
N ARG A 78 18.75 -17.56 30.04
CA ARG A 78 19.25 -16.59 31.02
C ARG A 78 18.49 -15.25 30.97
N VAL A 79 18.27 -14.73 29.76
CA VAL A 79 17.47 -13.51 29.58
C VAL A 79 16.05 -13.71 30.13
N LYS A 80 15.45 -14.85 29.77
CA LYS A 80 14.13 -15.19 30.27
C LYS A 80 14.06 -15.24 31.80
N ALA A 81 15.06 -15.90 32.41
CA ALA A 81 15.22 -15.93 33.86
C ALA A 81 15.26 -14.53 34.50
N ILE A 82 16.04 -13.64 33.92
CA ILE A 82 16.13 -12.26 34.41
C ILE A 82 14.76 -11.53 34.30
N GLU A 83 14.07 -11.82 33.19
CA GLU A 83 12.76 -11.24 32.90
C GLU A 83 11.68 -11.58 33.93
N GLU A 84 11.74 -12.79 34.49
CA GLU A 84 10.86 -13.16 35.62
C GLU A 84 10.99 -12.17 36.78
N GLU A 85 12.21 -11.66 36.98
CA GLU A 85 12.47 -10.63 37.99
C GLU A 85 11.98 -9.24 37.52
N THR A 86 12.44 -8.83 36.35
CA THR A 86 12.20 -7.47 35.88
C THR A 86 10.78 -7.21 35.39
N ASN A 87 10.12 -8.23 34.83
CA ASN A 87 8.94 -8.05 33.99
C ASN A 87 9.15 -6.91 32.95
N HIS A 88 10.37 -6.85 32.41
CA HIS A 88 10.74 -5.89 31.39
C HIS A 88 11.78 -6.60 30.52
N ASP A 89 11.41 -6.87 29.26
CA ASP A 89 12.18 -7.74 28.40
C ASP A 89 13.53 -7.13 27.98
N VAL A 90 13.52 -5.87 27.53
CA VAL A 90 14.76 -5.20 27.10
C VAL A 90 15.70 -4.95 28.27
N LYS A 91 15.14 -4.57 29.42
CA LYS A 91 15.91 -4.42 30.65
C LYS A 91 16.64 -5.71 30.93
N ALA A 92 15.95 -6.83 30.76
CA ALA A 92 16.54 -8.14 31.02
C ALA A 92 17.73 -8.39 30.09
N VAL A 93 17.65 -7.88 28.86
CA VAL A 93 18.83 -7.92 27.96
C VAL A 93 19.99 -6.99 28.41
N GLU A 94 19.68 -5.80 28.91
CA GLU A 94 20.74 -4.92 29.47
C GLU A 94 21.49 -5.71 30.54
N TYR A 95 20.75 -6.22 31.54
CA TYR A 95 21.35 -7.01 32.62
C TYR A 95 22.21 -8.14 32.11
N PHE A 96 21.76 -8.83 31.06
CA PHE A 96 22.48 -9.99 30.53
C PHE A 96 23.82 -9.62 29.92
N VAL A 97 23.85 -8.52 29.14
CA VAL A 97 25.07 -8.09 28.47
C VAL A 97 26.10 -7.58 29.51
N LYS A 98 25.60 -6.94 30.55
CA LYS A 98 26.42 -6.43 31.62
C LYS A 98 27.09 -7.57 32.35
N GLU A 99 26.31 -8.60 32.71
CA GLU A 99 26.87 -9.75 33.42
C GLU A 99 27.85 -10.58 32.60
N LYS A 100 27.65 -10.63 31.28
CA LYS A 100 28.67 -11.19 30.37
C LYS A 100 29.94 -10.37 30.42
N LEU A 101 29.77 -9.05 30.56
CA LEU A 101 30.91 -8.15 30.67
C LEU A 101 31.59 -8.24 32.05
N LYS A 102 30.78 -8.31 33.11
CA LYS A 102 31.33 -8.46 34.47
C LYS A 102 32.18 -9.75 34.57
N ASN A 103 31.79 -10.79 33.83
CA ASN A 103 32.42 -12.10 33.93
C ASN A 103 33.50 -12.34 32.90
N SER A 104 33.79 -11.32 32.10
CA SER A 104 34.68 -11.46 30.93
C SER A 104 36.16 -11.68 31.24
N LYS A 105 36.55 -11.30 32.45
CA LYS A 105 37.96 -11.28 32.89
C LYS A 105 38.77 -10.29 32.04
N ARG A 106 38.24 -9.07 31.90
CA ARG A 106 38.95 -7.97 31.24
C ARG A 106 38.69 -6.68 32.02
N GLU A 107 39.78 -6.00 32.37
CA GLU A 107 39.74 -4.79 33.18
C GLU A 107 38.97 -3.68 32.48
N ASP A 108 39.30 -3.46 31.21
CA ASP A 108 38.74 -2.36 30.44
C ASP A 108 37.27 -2.57 30.11
N LEU A 109 36.83 -3.83 30.06
CA LEU A 109 35.44 -4.20 29.87
C LEU A 109 34.60 -4.06 31.14
N LEU A 110 35.21 -4.35 32.29
CA LEU A 110 34.60 -4.03 33.60
C LEU A 110 34.42 -2.53 33.72
N LYS A 111 35.38 -1.79 33.17
CA LYS A 111 35.35 -0.32 33.15
C LYS A 111 34.18 0.27 32.36
N ILE A 112 33.80 -0.36 31.25
CA ILE A 112 32.82 0.22 30.30
C ILE A 112 31.42 -0.40 30.37
N LYS A 113 31.26 -1.48 31.14
CA LYS A 113 29.97 -2.15 31.24
C LYS A 113 28.84 -1.26 31.71
N GLU A 114 29.14 -0.18 32.44
CA GLU A 114 28.08 0.74 32.89
C GLU A 114 27.49 1.52 31.72
N TYR A 115 28.16 1.45 30.57
CA TYR A 115 27.73 2.11 29.34
C TYR A 115 26.87 1.20 28.46
N VAL A 116 26.53 0.00 28.94
CA VAL A 116 25.58 -0.84 28.19
C VAL A 116 24.26 -0.06 28.11
N HIS A 117 23.72 0.08 26.90
CA HIS A 117 22.42 0.76 26.70
C HIS A 117 22.54 2.25 27.04
N TYR A 118 23.75 2.82 26.93
CA TYR A 118 23.93 4.23 27.35
C TYR A 118 23.15 5.15 26.45
N LEU A 119 22.38 6.07 27.04
CA LEU A 119 21.56 7.08 26.29
C LEU A 119 20.28 6.49 25.60
N CYS A 120 20.15 5.18 25.58
CA CYS A 120 19.08 4.50 24.84
C CYS A 120 17.74 4.44 25.55
N THR A 121 16.67 4.29 24.76
CA THR A 121 15.40 3.80 25.28
C THR A 121 15.19 2.37 24.74
N SER A 122 14.32 1.58 25.35
CA SER A 122 14.17 0.17 24.88
C SER A 122 13.82 0.09 23.39
N GLU A 123 12.99 1.02 22.90
CA GLU A 123 12.55 1.02 21.49
C GLU A 123 13.66 1.33 20.50
N ASP A 124 14.74 1.97 20.97
CA ASP A 124 15.97 2.08 20.16
C ASP A 124 16.51 0.71 19.81
N ILE A 125 16.54 -0.17 20.80
CA ILE A 125 16.95 -1.54 20.59
C ILE A 125 15.90 -2.35 19.77
N ASN A 126 14.63 -2.26 20.15
CA ASN A 126 13.54 -3.03 19.53
C ASN A 126 13.40 -2.71 18.04
N ASN A 127 13.36 -1.42 17.71
CA ASN A 127 13.09 -1.07 16.35
C ASN A 127 14.20 -1.48 15.41
N VAL A 128 15.45 -1.43 15.86
CA VAL A 128 16.55 -1.88 15.00
C VAL A 128 16.50 -3.40 14.87
N ALA A 129 16.25 -4.09 15.98
CA ALA A 129 16.06 -5.54 15.94
C ALA A 129 14.94 -5.98 14.97
N TYR A 130 13.78 -5.31 15.03
CA TYR A 130 12.67 -5.61 14.11
C TYR A 130 13.04 -5.27 12.68
N ALA A 131 13.64 -4.07 12.48
CA ALA A 131 14.02 -3.62 11.12
C ALA A 131 14.92 -4.60 10.42
N THR A 132 15.96 -5.05 11.11
CA THR A 132 16.96 -5.92 10.49
C THR A 132 16.36 -7.31 10.23
N CYS A 133 15.53 -7.79 11.14
CA CYS A 133 14.89 -9.09 11.04
C CYS A 133 13.91 -9.12 9.88
N LEU A 134 13.08 -8.09 9.81
CA LEU A 134 12.09 -7.96 8.74
C LEU A 134 12.79 -7.82 7.39
N LYS A 135 13.81 -6.95 7.30
CA LYS A 135 14.53 -6.79 6.05
C LYS A 135 15.14 -8.09 5.54
N ALA A 136 15.92 -8.75 6.40
CA ALA A 136 16.56 -10.02 6.09
C ALA A 136 15.51 -11.10 5.74
N CYS A 137 14.45 -11.22 6.55
CA CYS A 137 13.40 -12.19 6.25
C CYS A 137 12.81 -12.02 4.84
N LEU A 138 12.45 -10.78 4.49
CA LEU A 138 11.82 -10.52 3.20
C LEU A 138 12.84 -10.77 2.11
N ASN A 139 14.05 -10.22 2.26
CA ASN A 139 15.07 -10.34 1.23
C ASN A 139 15.51 -11.81 1.03
N ASP A 140 15.57 -12.58 2.13
CA ASP A 140 16.15 -13.93 2.08
C ASP A 140 15.18 -15.10 1.98
N VAL A 141 13.95 -14.94 2.47
CA VAL A 141 12.95 -16.02 2.49
C VAL A 141 11.68 -15.65 1.69
N VAL A 142 11.02 -14.57 2.10
CA VAL A 142 9.69 -14.25 1.63
C VAL A 142 9.64 -13.84 0.17
N ILE A 143 10.40 -12.81 -0.22
CA ILE A 143 10.41 -12.39 -1.61
C ILE A 143 10.98 -13.46 -2.55
N PRO A 144 12.12 -14.12 -2.20
CA PRO A 144 12.51 -15.22 -3.07
C PRO A 144 11.42 -16.28 -3.26
N CYS A 145 10.61 -16.59 -2.24
CA CYS A 145 9.48 -17.50 -2.48
C CYS A 145 8.44 -16.94 -3.50
N LEU A 146 8.06 -15.65 -3.38
CA LEU A 146 7.26 -14.98 -4.43
C LEU A 146 7.88 -15.01 -5.83
N GLU A 147 9.17 -14.75 -5.89
CA GLU A 147 9.93 -14.87 -7.13
C GLU A 147 9.95 -16.26 -7.73
N LYS A 148 9.87 -17.31 -6.92
CA LYS A 148 9.69 -18.68 -7.44
C LYS A 148 8.33 -18.91 -8.09
N ILE A 149 7.28 -18.34 -7.50
CA ILE A 149 5.95 -18.34 -8.15
C ILE A 149 6.00 -17.55 -9.49
N MET A 150 6.57 -16.35 -9.47
CA MET A 150 6.82 -15.56 -10.70
C MET A 150 7.48 -16.40 -11.79
N LEU A 151 8.58 -17.04 -11.43
CA LEU A 151 9.31 -17.86 -12.37
C LEU A 151 8.44 -18.98 -12.97
N LYS A 152 7.69 -19.69 -12.12
CA LYS A 152 6.79 -20.76 -12.59
C LYS A 152 5.65 -20.23 -13.49
N LEU A 153 5.03 -19.10 -13.11
CA LEU A 153 4.01 -18.46 -13.96
C LEU A 153 4.60 -18.09 -15.34
N LYS A 154 5.83 -17.60 -15.36
CA LYS A 154 6.45 -17.27 -16.63
C LYS A 154 6.80 -18.52 -17.43
N ASP A 155 7.22 -19.59 -16.74
CA ASP A 155 7.45 -20.84 -17.42
C ASP A 155 6.16 -21.42 -18.02
N LEU A 156 5.06 -21.32 -17.27
CA LEU A 156 3.77 -21.72 -17.80
C LEU A 156 3.29 -20.85 -18.98
N ALA A 157 3.50 -19.55 -18.86
CA ALA A 157 3.16 -18.60 -19.90
C ALA A 157 3.88 -18.94 -21.23
N VAL A 158 5.15 -19.29 -21.14
CA VAL A 158 5.93 -19.65 -22.34
C VAL A 158 5.54 -21.02 -22.87
N GLU A 159 5.48 -22.01 -21.99
CA GLU A 159 5.19 -23.36 -22.42
C GLU A 159 3.80 -23.45 -23.11
N TYR A 160 2.82 -22.74 -22.57
CA TYR A 160 1.45 -22.86 -23.05
C TYR A 160 1.00 -21.63 -23.79
N SER A 161 1.96 -20.79 -24.23
CA SER A 161 1.67 -19.54 -24.94
C SER A 161 0.71 -19.74 -26.09
N HIS A 162 0.80 -20.88 -26.77
CA HIS A 162 0.05 -21.04 -27.99
C HIS A 162 -1.23 -21.89 -27.79
N VAL A 163 -1.50 -22.36 -26.57
CA VAL A 163 -2.59 -23.33 -26.39
C VAL A 163 -3.89 -22.54 -26.28
N PRO A 164 -4.79 -22.65 -27.27
CA PRO A 164 -6.04 -21.90 -27.22
C PRO A 164 -7.00 -22.36 -26.11
N LEU A 165 -7.72 -21.36 -25.56
CA LEU A 165 -8.58 -21.52 -24.40
C LEU A 165 -9.74 -20.60 -24.59
N LEU A 166 -10.93 -21.16 -24.48
CA LEU A 166 -12.16 -20.38 -24.51
C LEU A 166 -12.26 -19.43 -23.29
N SER A 167 -12.28 -18.12 -23.56
CA SER A 167 -12.41 -17.11 -22.52
C SER A 167 -13.84 -17.15 -21.96
N ARG A 168 -13.97 -16.65 -20.74
CA ARG A 168 -15.25 -16.51 -20.11
C ARG A 168 -15.37 -15.16 -19.45
N THR A 169 -16.40 -14.42 -19.82
CA THR A 169 -16.68 -13.14 -19.19
C THR A 169 -18.08 -13.29 -18.64
N HIS A 170 -18.29 -12.85 -17.40
CA HIS A 170 -19.51 -13.18 -16.62
C HIS A 170 -19.75 -14.70 -16.57
N GLY A 171 -18.68 -15.50 -16.63
CA GLY A 171 -18.78 -16.97 -16.62
C GLY A 171 -19.14 -17.61 -17.96
N GLN A 172 -19.41 -16.79 -18.98
CA GLN A 172 -19.90 -17.27 -20.25
C GLN A 172 -18.94 -17.01 -21.45
N PRO A 173 -19.08 -17.80 -22.55
CA PRO A 173 -18.15 -17.78 -23.67
C PRO A 173 -17.88 -16.38 -24.23
N ALA A 174 -16.59 -16.12 -24.42
CA ALA A 174 -16.10 -14.89 -24.98
C ALA A 174 -14.92 -15.26 -25.90
N SER A 175 -14.50 -14.32 -26.74
CA SER A 175 -13.30 -14.41 -27.58
C SER A 175 -12.11 -15.17 -26.98
N SER A 176 -11.48 -16.04 -27.77
CA SER A 176 -10.48 -16.94 -27.18
C SER A 176 -9.26 -16.23 -26.66
N THR A 177 -8.55 -16.96 -25.82
CA THR A 177 -7.28 -16.56 -25.29
C THR A 177 -6.40 -17.77 -25.39
N THR A 178 -5.28 -17.79 -24.66
CA THR A 178 -4.52 -19.03 -24.55
C THR A 178 -4.21 -19.24 -23.09
N PHE A 179 -3.93 -20.49 -22.70
CA PHE A 179 -3.65 -20.74 -21.30
C PHE A 179 -2.40 -19.96 -20.85
N GLY A 180 -1.35 -19.94 -21.68
CA GLY A 180 -0.12 -19.20 -21.34
C GLY A 180 -0.38 -17.74 -21.14
N LYS A 181 -1.23 -17.15 -21.97
CA LYS A 181 -1.58 -15.74 -21.81
C LYS A 181 -2.26 -15.45 -20.45
N GLU A 182 -3.18 -16.31 -20.06
CA GLU A 182 -3.85 -16.10 -18.77
C GLU A 182 -2.86 -16.21 -17.59
N MET A 183 -1.85 -17.07 -17.72
CA MET A 183 -0.76 -17.12 -16.70
C MET A 183 0.20 -15.91 -16.77
N ALA A 184 0.48 -15.44 -17.99
CA ALA A 184 1.25 -14.20 -18.19
C ALA A 184 0.63 -13.00 -17.49
N ASN A 185 -0.71 -12.88 -17.52
CA ASN A 185 -1.37 -11.82 -16.81
C ASN A 185 -1.00 -11.81 -15.34
N PHE A 186 -1.04 -12.97 -14.68
CA PHE A 186 -0.64 -13.04 -13.26
C PHE A 186 0.85 -12.75 -13.03
N TYR A 187 1.71 -13.28 -13.89
CA TYR A 187 3.14 -12.96 -13.84
C TYR A 187 3.34 -11.41 -13.84
N ALA A 188 2.69 -10.70 -14.78
CA ALA A 188 2.92 -9.26 -14.89
C ALA A 188 2.51 -8.52 -13.61
N ARG A 189 1.43 -8.97 -13.00
CA ARG A 189 0.99 -8.32 -11.76
C ARG A 189 1.94 -8.63 -10.58
N ILE A 190 2.34 -9.88 -10.40
CA ILE A 190 3.24 -10.24 -9.31
C ILE A 190 4.59 -9.57 -9.49
N HIS A 191 5.09 -9.55 -10.74
CA HIS A 191 6.32 -8.80 -11.02
C HIS A 191 6.18 -7.35 -10.54
N HIS A 192 5.07 -6.69 -10.87
CA HIS A 192 4.89 -5.30 -10.43
C HIS A 192 4.87 -5.20 -8.89
N HIS A 193 4.11 -6.07 -8.23
CA HIS A 193 4.05 -6.04 -6.78
C HIS A 193 5.39 -6.24 -6.10
N VAL A 194 6.15 -7.22 -6.57
CA VAL A 194 7.47 -7.51 -6.02
C VAL A 194 8.40 -6.27 -6.17
N GLY A 195 8.31 -5.57 -7.28
CA GLY A 195 9.09 -4.37 -7.50
C GLY A 195 8.73 -3.28 -6.50
N VAL A 196 7.44 -3.05 -6.28
CA VAL A 196 7.00 -2.11 -5.27
C VAL A 196 7.49 -2.49 -3.87
N ILE A 197 7.30 -3.74 -3.46
CA ILE A 197 7.75 -4.19 -2.16
C ILE A 197 9.27 -3.99 -1.99
N ARG A 198 10.06 -4.40 -2.99
CA ARG A 198 11.53 -4.24 -2.95
C ARG A 198 11.97 -2.76 -2.83
N ARG A 199 11.18 -1.82 -3.35
CA ARG A 199 11.50 -0.41 -3.27
C ARG A 199 11.12 0.28 -1.94
N VAL A 200 10.39 -0.40 -1.06
CA VAL A 200 10.12 0.18 0.27
C VAL A 200 11.46 0.25 1.04
N LYS A 201 11.76 1.43 1.59
CA LYS A 201 12.96 1.61 2.41
C LYS A 201 12.68 1.17 3.84
N VAL A 202 13.43 0.18 4.33
CA VAL A 202 13.33 -0.21 5.74
C VAL A 202 14.08 0.84 6.59
N CYS A 203 13.39 1.40 7.59
CA CYS A 203 13.85 2.59 8.37
C CYS A 203 14.02 2.21 9.79
N ALA A 204 14.94 2.88 10.47
CA ALA A 204 15.13 2.68 11.91
C ALA A 204 15.52 4.02 12.59
N LYS A 205 15.47 4.05 13.92
CA LYS A 205 15.89 5.25 14.69
C LYS A 205 16.72 4.82 15.90
N PHE A 206 17.31 5.77 16.61
CA PHE A 206 18.07 5.44 17.82
C PHE A 206 18.23 6.77 18.57
N ASN A 207 17.13 7.25 19.14
CA ASN A 207 17.00 8.66 19.51
C ASN A 207 16.67 8.91 21.01
N GLY A 208 16.75 7.87 21.83
CA GLY A 208 16.48 8.07 23.27
C GLY A 208 15.01 8.13 23.65
N ALA A 209 14.72 8.43 24.93
CA ALA A 209 13.37 8.39 25.55
C ALA A 209 12.18 8.74 24.65
N VAL A 210 12.25 9.88 23.97
CA VAL A 210 11.08 10.45 23.32
C VAL A 210 11.41 10.95 21.92
N GLY A 211 12.59 10.60 21.41
CA GLY A 211 12.95 10.88 20.03
C GLY A 211 13.83 12.09 19.82
N ASN A 212 14.16 12.79 20.92
CA ASN A 212 14.78 14.13 20.87
C ASN A 212 16.28 14.24 21.26
N PHE A 213 16.92 13.09 21.54
CA PHE A 213 18.30 13.03 22.02
C PHE A 213 18.45 13.84 23.32
N ASN A 214 17.42 13.88 24.18
CA ASN A 214 17.53 14.58 25.47
C ASN A 214 18.79 14.18 26.26
N ALA A 215 18.95 12.87 26.48
CA ALA A 215 20.06 12.31 27.26
C ALA A 215 21.37 12.59 26.55
N HIS A 216 21.36 12.40 25.23
CA HIS A 216 22.56 12.47 24.40
C HIS A 216 23.16 13.86 24.47
N LYS A 217 22.28 14.86 24.35
CA LYS A 217 22.66 16.25 24.37
C LYS A 217 23.33 16.64 25.73
N VAL A 218 22.78 16.16 26.85
CA VAL A 218 23.32 16.44 28.17
C VAL A 218 24.69 15.76 28.29
N ALA A 219 24.77 14.51 27.81
CA ALA A 219 25.97 13.66 27.92
C ALA A 219 27.15 14.17 27.10
N SER A 220 26.84 14.68 25.90
CA SER A 220 27.88 15.16 24.99
C SER A 220 27.36 16.27 24.10
N LYS A 221 27.34 17.48 24.65
CA LYS A 221 26.69 18.64 24.03
C LYS A 221 27.27 19.09 22.65
N ASP A 222 28.49 18.70 22.33
CA ASP A 222 29.04 19.09 21.05
C ASP A 222 28.99 18.00 19.96
N THR A 223 28.31 16.89 20.24
CA THR A 223 28.20 15.82 19.24
C THR A 223 27.00 16.11 18.30
N ASP A 224 27.21 15.99 17.00
CA ASP A 224 26.10 16.07 16.04
C ASP A 224 25.44 14.67 16.06
N TRP A 225 24.47 14.50 16.94
CA TRP A 225 23.82 13.20 17.08
C TRP A 225 23.03 12.75 15.84
N VAL A 226 22.41 13.66 15.10
CA VAL A 226 21.70 13.26 13.86
C VAL A 226 22.69 12.53 12.93
N ASN A 227 23.86 13.13 12.75
CA ASN A 227 24.88 12.55 11.90
C ASN A 227 25.55 11.29 12.46
N THR A 228 25.73 11.26 13.79
CA THR A 228 26.36 10.13 14.50
C THR A 228 25.49 8.86 14.43
N ILE A 229 24.19 9.03 14.60
CA ILE A 229 23.22 7.91 14.53
C ILE A 229 23.04 7.43 13.10
N GLY A 230 22.99 8.35 12.15
CA GLY A 230 23.02 8.02 10.73
C GLY A 230 24.15 7.07 10.42
N LEU A 231 25.34 7.41 10.90
CA LEU A 231 26.52 6.56 10.79
C LEU A 231 26.36 5.22 11.50
N PHE A 232 25.91 5.26 12.75
CA PHE A 232 25.71 4.02 13.52
C PHE A 232 24.84 3.03 12.75
N LEU A 233 23.69 3.52 12.28
CA LEU A 233 22.70 2.69 11.61
C LEU A 233 23.15 2.17 10.26
N LYS A 234 23.79 3.02 9.46
CA LYS A 234 24.36 2.59 8.18
C LYS A 234 25.55 1.63 8.37
N LYS A 235 26.49 2.00 9.21
CA LYS A 235 27.72 1.21 9.40
C LYS A 235 27.46 -0.14 10.08
N HIS A 236 26.66 -0.14 11.14
CA HIS A 236 26.46 -1.36 11.89
C HIS A 236 25.29 -2.22 11.42
N PHE A 237 24.34 -1.65 10.69
CA PHE A 237 23.16 -2.44 10.31
C PHE A 237 22.71 -2.29 8.88
N ASN A 238 23.42 -1.47 8.10
CA ASN A 238 23.00 -1.06 6.77
C ASN A 238 21.52 -0.62 6.69
N LEU A 239 21.08 0.17 7.66
CA LEU A 239 19.73 0.71 7.69
C LEU A 239 19.62 2.20 7.36
N THR A 240 18.52 2.58 6.71
CA THR A 240 18.12 3.96 6.47
C THR A 240 17.64 4.58 7.78
N TYR A 241 18.05 5.83 8.03
CA TYR A 241 17.70 6.52 9.27
C TYR A 241 16.44 7.38 9.13
N SER A 242 15.37 7.05 9.84
CA SER A 242 14.25 7.97 9.89
C SER A 242 14.39 8.84 11.16
N ILE A 243 14.82 10.09 10.92
CA ILE A 243 15.18 11.04 11.99
C ILE A 243 14.03 11.31 12.95
N TYR A 244 12.82 11.48 12.41
CA TYR A 244 11.65 11.91 13.19
C TYR A 244 10.88 10.78 13.81
N CYS A 245 10.73 10.83 15.13
CA CYS A 245 10.12 9.74 15.90
C CYS A 245 9.73 10.28 17.28
N THR A 246 8.91 9.53 18.01
CA THR A 246 8.63 9.77 19.41
C THR A 246 9.49 8.77 20.19
N GLN A 247 8.97 8.21 21.27
CA GLN A 247 9.62 7.02 21.82
C GLN A 247 9.66 5.87 20.79
N ILE A 248 8.63 5.77 19.93
CA ILE A 248 8.58 4.72 18.91
C ILE A 248 9.00 5.22 17.53
N GLN A 249 9.57 4.32 16.73
CA GLN A 249 9.69 4.49 15.28
C GLN A 249 8.22 4.45 14.75
N ASP A 250 7.87 5.28 13.76
CA ASP A 250 6.44 5.47 13.37
C ASP A 250 5.73 4.21 12.79
N HIS A 251 6.52 3.25 12.36
CA HIS A 251 6.05 1.97 11.80
C HIS A 251 5.46 2.09 10.39
N ASP A 252 5.45 3.30 9.81
CA ASP A 252 4.86 3.47 8.48
C ASP A 252 5.46 2.55 7.43
N TYR A 253 6.77 2.25 7.50
CA TYR A 253 7.40 1.40 6.50
C TYR A 253 6.89 -0.05 6.62
N ILE A 254 6.59 -0.50 7.84
CA ILE A 254 5.98 -1.83 8.06
C ILE A 254 4.61 -1.91 7.34
N CYS A 255 3.78 -0.90 7.54
CA CYS A 255 2.48 -0.79 6.87
C CYS A 255 2.59 -0.85 5.34
N GLU A 256 3.57 -0.11 4.78
CA GLU A 256 3.84 -0.16 3.36
C GLU A 256 4.23 -1.49 2.83
N LEU A 257 5.13 -2.19 3.55
CA LEU A 257 5.54 -3.55 3.15
C LEU A 257 4.35 -4.51 3.21
N CYS A 258 3.59 -4.41 4.28
CA CYS A 258 2.39 -5.23 4.50
C CYS A 258 1.28 -5.00 3.47
N ASP A 259 1.01 -3.72 3.17
CA ASP A 259 0.09 -3.38 2.08
C ASP A 259 0.55 -4.00 0.75
N GLY A 260 1.83 -3.85 0.41
CA GLY A 260 2.43 -4.44 -0.79
C GLY A 260 2.29 -5.96 -0.86
N LEU A 261 2.65 -6.66 0.22
CA LEU A 261 2.37 -8.09 0.36
C LEU A 261 0.89 -8.43 0.22
N ALA A 262 0.01 -7.63 0.82
CA ALA A 262 -1.41 -7.93 0.75
C ALA A 262 -1.94 -7.80 -0.67
N ARG A 263 -1.39 -6.87 -1.45
CA ARG A 263 -1.77 -6.75 -2.87
C ARG A 263 -1.25 -7.90 -3.68
N ALA A 264 -0.04 -8.35 -3.43
CA ALA A 264 0.43 -9.58 -4.07
C ALA A 264 -0.45 -10.78 -3.68
N ASN A 265 -0.82 -10.85 -2.39
CA ASN A 265 -1.76 -11.92 -1.94
C ASN A 265 -3.14 -11.93 -2.64
N GLY A 266 -3.71 -10.74 -2.83
CA GLY A 266 -4.95 -10.60 -3.58
C GLY A 266 -4.81 -11.12 -5.01
N THR A 267 -3.69 -10.81 -5.67
CA THR A 267 -3.41 -11.35 -7.02
C THR A 267 -3.31 -12.88 -6.96
N LEU A 268 -2.69 -13.40 -5.90
CA LEU A 268 -2.53 -14.84 -5.81
C LEU A 268 -3.85 -15.51 -5.47
N ILE A 269 -4.71 -14.82 -4.75
CA ILE A 269 -6.07 -15.36 -4.52
C ILE A 269 -6.85 -15.45 -5.85
N ASP A 270 -6.72 -14.40 -6.68
CA ASP A 270 -7.34 -14.33 -7.99
C ASP A 270 -6.91 -15.56 -8.81
N LEU A 271 -5.60 -15.82 -8.81
CA LEU A 271 -4.99 -16.99 -9.48
C LEU A 271 -5.50 -18.34 -8.91
N CYS A 272 -5.47 -18.51 -7.60
CA CYS A 272 -5.97 -19.75 -6.99
C CYS A 272 -7.41 -20.08 -7.42
N VAL A 273 -8.30 -19.08 -7.43
CA VAL A 273 -9.71 -19.29 -7.79
C VAL A 273 -9.81 -19.57 -9.29
N ASP A 274 -9.03 -18.87 -10.12
CA ASP A 274 -9.11 -19.15 -11.57
C ASP A 274 -8.62 -20.56 -11.93
N ILE A 275 -7.50 -20.99 -11.37
CA ILE A 275 -6.99 -22.37 -11.60
C ILE A 275 -8.05 -23.41 -11.16
N TRP A 276 -8.66 -23.13 -10.00
CA TRP A 276 -9.75 -23.98 -9.46
C TRP A 276 -10.88 -24.05 -10.48
N LEU A 277 -11.29 -22.91 -11.06
CA LEU A 277 -12.32 -22.84 -12.13
C LEU A 277 -11.92 -23.57 -13.41
N TYR A 278 -10.64 -23.45 -13.81
CA TYR A 278 -10.17 -24.18 -15.02
C TYR A 278 -10.23 -25.69 -14.80
N ILE A 279 -9.75 -26.11 -13.63
CA ILE A 279 -9.82 -27.52 -13.22
C ILE A 279 -11.28 -28.00 -13.13
N SER A 280 -12.16 -27.18 -12.56
CA SER A 280 -13.60 -27.51 -12.48
C SER A 280 -14.22 -27.77 -13.86
N ASN A 281 -13.80 -26.96 -14.83
CA ASN A 281 -14.27 -27.06 -16.19
C ASN A 281 -13.48 -28.08 -17.02
N ASN A 282 -12.64 -28.87 -16.35
CA ASN A 282 -11.91 -30.00 -16.93
C ASN A 282 -10.85 -29.60 -18.00
N LEU A 283 -10.31 -28.39 -17.89
CA LEU A 283 -9.45 -27.84 -18.97
C LEU A 283 -8.00 -27.99 -18.56
N LEU A 284 -7.80 -28.17 -17.25
CA LEU A 284 -6.51 -28.53 -16.67
C LEU A 284 -6.67 -29.84 -15.97
N LYS A 285 -5.57 -30.58 -15.89
CA LYS A 285 -5.52 -31.79 -15.11
C LYS A 285 -4.38 -31.68 -14.10
N LEU A 286 -4.53 -32.40 -13.00
CA LEU A 286 -3.57 -32.43 -11.91
C LEU A 286 -2.78 -33.74 -11.84
N LYS A 287 -1.45 -33.64 -11.71
CA LYS A 287 -0.52 -34.80 -11.52
C LYS A 287 -0.95 -35.85 -10.49
N SER A 295 -9.55 -37.94 -3.07
CA SER A 295 -10.93 -38.35 -2.75
C SER A 295 -11.02 -39.70 -2.00
N SER A 296 -11.62 -39.64 -0.82
CA SER A 296 -11.74 -40.80 0.05
C SER A 296 -12.75 -41.83 -0.48
N THR A 297 -13.57 -41.44 -1.47
CA THR A 297 -14.62 -42.32 -2.04
C THR A 297 -14.50 -42.69 -3.53
N MET A 298 -14.17 -41.72 -4.39
CA MET A 298 -14.04 -41.92 -5.85
C MET A 298 -12.58 -42.15 -6.24
N PRO A 299 -12.26 -43.34 -6.78
CA PRO A 299 -10.89 -43.86 -7.05
C PRO A 299 -9.99 -43.02 -7.96
N HIS A 300 -10.59 -42.32 -8.92
CA HIS A 300 -9.80 -41.49 -9.88
C HIS A 300 -9.90 -39.95 -9.70
N LYS A 301 -10.59 -39.51 -8.65
CA LYS A 301 -10.79 -38.09 -8.41
C LYS A 301 -9.55 -37.42 -7.77
N VAL A 302 -9.05 -36.38 -8.42
CA VAL A 302 -7.92 -35.59 -7.92
C VAL A 302 -8.33 -34.11 -7.76
N ASN A 303 -8.25 -33.63 -6.52
CA ASN A 303 -8.78 -32.31 -6.18
C ASN A 303 -7.68 -31.28 -6.03
N PRO A 304 -7.98 -30.03 -6.37
CA PRO A 304 -7.06 -28.87 -6.32
C PRO A 304 -6.76 -28.40 -4.89
N ILE A 305 -6.47 -29.33 -3.97
CA ILE A 305 -6.35 -28.99 -2.55
C ILE A 305 -5.19 -28.03 -2.23
N ASP A 306 -4.12 -28.03 -3.03
CA ASP A 306 -3.05 -27.03 -2.84
C ASP A 306 -3.50 -25.60 -3.06
N PHE A 307 -4.26 -25.38 -4.11
CA PHE A 307 -4.76 -24.06 -4.41
C PHE A 307 -5.80 -23.66 -3.35
N GLU A 308 -6.64 -24.61 -2.91
CA GLU A 308 -7.65 -24.28 -1.88
C GLU A 308 -7.02 -23.89 -0.52
N ASN A 309 -5.99 -24.63 -0.12
CA ASN A 309 -5.19 -24.29 1.06
C ASN A 309 -4.55 -22.90 0.92
N ALA A 310 -3.90 -22.64 -0.24
CA ALA A 310 -3.29 -21.35 -0.49
C ALA A 310 -4.31 -20.29 -0.28
N GLU A 311 -5.48 -20.45 -0.93
CA GLU A 311 -6.56 -19.44 -0.91
C GLU A 311 -6.92 -19.03 0.52
N GLY A 312 -7.12 -20.03 1.37
CA GLY A 312 -7.41 -19.83 2.77
C GLY A 312 -6.30 -19.10 3.54
N ASN A 313 -5.05 -19.53 3.40
CA ASN A 313 -3.91 -18.88 4.07
C ASN A 313 -3.57 -17.47 3.56
N LEU A 314 -3.87 -17.19 2.31
CA LEU A 314 -3.71 -15.81 1.80
C LEU A 314 -4.75 -14.88 2.46
N HIS A 315 -5.99 -15.34 2.62
CA HIS A 315 -6.97 -14.56 3.39
C HIS A 315 -6.52 -14.28 4.81
N ILE A 316 -5.96 -15.29 5.47
CA ILE A 316 -5.41 -15.11 6.82
C ILE A 316 -4.24 -14.11 6.87
N ALA A 317 -3.20 -14.29 6.03
CA ALA A 317 -2.10 -13.32 5.96
C ALA A 317 -2.74 -11.91 5.84
N ASN A 318 -3.71 -11.74 4.93
CA ASN A 318 -4.30 -10.41 4.70
C ASN A 318 -5.06 -9.85 5.86
N ALA A 319 -5.70 -10.72 6.65
CA ALA A 319 -6.32 -10.25 7.92
C ALA A 319 -5.28 -9.56 8.84
N PHE A 320 -4.14 -10.19 9.06
CA PHE A 320 -3.03 -9.57 9.81
C PHE A 320 -2.53 -8.27 9.15
N PHE A 321 -2.35 -8.30 7.85
CA PHE A 321 -1.86 -7.14 7.13
C PHE A 321 -2.80 -5.97 7.29
N LYS A 322 -4.12 -6.20 7.19
CA LYS A 322 -5.08 -5.11 7.38
C LYS A 322 -5.05 -4.56 8.80
N LEU A 323 -4.89 -5.47 9.78
CA LEU A 323 -4.69 -5.14 11.18
C LEU A 323 -3.48 -4.23 11.39
N PHE A 324 -2.33 -4.66 10.90
CA PHE A 324 -1.12 -3.85 11.02
C PHE A 324 -1.33 -2.47 10.47
N SER A 325 -1.79 -2.38 9.22
CA SER A 325 -1.94 -1.07 8.57
C SER A 325 -2.94 -0.15 9.23
N SER A 326 -3.91 -0.70 9.95
CA SER A 326 -4.85 0.16 10.59
C SER A 326 -4.47 0.57 12.01
N LYS A 327 -3.83 -0.32 12.78
CA LYS A 327 -3.48 -0.08 14.18
C LYS A 327 -2.06 0.40 14.40
N LEU A 328 -1.08 -0.07 13.65
CA LEU A 328 0.30 0.43 13.83
C LEU A 328 0.50 1.97 13.72
N PRO A 329 -0.22 2.66 12.80
CA PRO A 329 -0.05 4.11 12.61
C PRO A 329 -0.51 4.98 13.74
N THR A 330 -1.23 4.44 14.72
CA THR A 330 -1.74 5.29 15.78
C THR A 330 -1.11 4.86 17.12
N SER A 331 -0.73 5.84 17.92
CA SER A 331 -0.12 5.62 19.23
C SER A 331 -0.43 6.86 20.05
N ARG A 332 -0.90 6.69 21.28
CA ARG A 332 -1.34 7.86 22.02
C ARG A 332 -0.14 8.66 22.48
N LEU A 333 -0.07 9.90 21.97
CA LEU A 333 1.01 10.84 22.30
C LEU A 333 2.42 10.30 21.94
N GLN A 334 3.32 10.26 22.92
CA GLN A 334 4.71 9.93 22.65
C GLN A 334 4.95 8.41 22.71
N ARG A 335 3.91 7.68 23.13
CA ARG A 335 3.51 6.33 22.64
C ARG A 335 2.63 5.64 23.70
N ASP A 336 1.80 4.71 23.26
CA ASP A 336 1.18 3.76 24.18
C ASP A 336 1.80 2.43 23.83
N LEU A 337 1.74 1.46 24.73
CA LEU A 337 2.45 0.22 24.51
C LEU A 337 1.68 -0.84 23.74
N SER A 338 0.47 -0.52 23.27
CA SER A 338 -0.35 -1.53 22.61
C SER A 338 0.26 -2.06 21.28
N ASP A 339 1.12 -1.25 20.64
CA ASP A 339 1.87 -1.73 19.48
C ASP A 339 2.86 -2.92 19.71
N SER A 340 3.40 -3.05 20.92
CA SER A 340 4.41 -4.04 21.23
C SER A 340 3.86 -5.43 20.95
N THR A 341 2.68 -5.72 21.51
CA THR A 341 2.15 -7.06 21.35
C THR A 341 1.72 -7.34 19.90
N VAL A 342 1.26 -6.31 19.21
CA VAL A 342 0.91 -6.41 17.80
C VAL A 342 2.10 -6.76 16.90
N LEU A 343 3.23 -6.09 17.10
CA LEU A 343 4.46 -6.35 16.34
C LEU A 343 4.98 -7.77 16.50
N ARG A 344 4.62 -8.42 17.62
CA ARG A 344 5.05 -9.83 17.86
C ARG A 344 4.37 -10.79 16.88
N ASN A 345 3.42 -10.28 16.11
CA ASN A 345 2.68 -11.07 15.13
C ASN A 345 3.12 -10.89 13.71
N ILE A 346 4.15 -10.08 13.50
CA ILE A 346 4.69 -9.93 12.12
C ILE A 346 5.17 -11.26 11.53
N GLY A 347 5.83 -12.07 12.37
CA GLY A 347 6.31 -13.38 11.93
C GLY A 347 5.17 -14.32 11.53
N SER A 348 4.11 -14.40 12.35
CA SER A 348 2.86 -15.12 12.00
C SER A 348 2.29 -14.71 10.66
N SER A 349 2.16 -13.41 10.42
CA SER A 349 1.66 -12.91 9.13
C SER A 349 2.48 -13.40 7.94
N LEU A 350 3.80 -13.42 8.09
CA LEU A 350 4.71 -13.89 7.03
C LEU A 350 4.72 -15.42 6.93
N ALA A 351 4.50 -16.12 8.05
CA ALA A 351 4.30 -17.57 8.03
C ALA A 351 3.04 -17.96 7.24
N TYR A 352 1.90 -17.31 7.46
CA TYR A 352 0.75 -17.49 6.54
C TYR A 352 1.06 -17.26 5.05
N CYS A 353 1.74 -16.17 4.71
CA CYS A 353 2.25 -15.95 3.36
C CYS A 353 3.05 -17.14 2.89
N LEU A 354 4.01 -17.59 3.69
CA LEU A 354 4.95 -18.64 3.23
C LEU A 354 4.24 -19.96 3.03
N ILE A 355 3.34 -20.28 3.96
CA ILE A 355 2.52 -21.49 3.78
C ILE A 355 1.75 -21.44 2.48
N ALA A 356 1.04 -20.34 2.25
CA ALA A 356 0.26 -20.12 1.04
C ALA A 356 1.15 -20.17 -0.23
N TYR A 357 2.31 -19.52 -0.22
CA TYR A 357 3.18 -19.47 -1.41
C TYR A 357 3.70 -20.83 -1.76
N LYS A 358 4.10 -21.59 -0.74
CA LYS A 358 4.52 -22.98 -0.93
C LYS A 358 3.37 -23.89 -1.44
N SER A 359 2.14 -23.72 -0.96
CA SER A 359 0.99 -24.42 -1.59
C SER A 359 0.74 -24.06 -3.08
N VAL A 360 0.80 -22.76 -3.40
CA VAL A 360 0.72 -22.33 -4.81
C VAL A 360 1.78 -23.01 -5.65
N LEU A 361 3.02 -22.98 -5.19
CA LEU A 361 4.12 -23.63 -5.92
C LEU A 361 3.88 -25.12 -6.11
N LYS A 362 3.45 -25.80 -5.04
CA LYS A 362 3.11 -27.22 -5.13
C LYS A 362 1.94 -27.46 -6.16
N GLY A 363 0.88 -26.65 -6.08
CA GLY A 363 -0.20 -26.79 -7.05
C GLY A 363 0.22 -26.51 -8.50
N LEU A 364 0.92 -25.39 -8.74
CA LEU A 364 1.34 -25.05 -10.11
C LEU A 364 2.22 -26.12 -10.72
N ASN A 365 3.02 -26.77 -9.88
CA ASN A 365 3.83 -27.88 -10.37
C ASN A 365 3.07 -29.19 -10.67
N LYS A 366 1.80 -29.29 -10.23
CA LYS A 366 0.93 -30.41 -10.63
C LYS A 366 0.14 -30.22 -11.96
N ILE A 367 0.11 -28.97 -12.43
N ILE A 367 0.11 -28.99 -12.45
CA ILE A 367 -0.70 -28.56 -13.59
CA ILE A 367 -0.82 -28.60 -13.52
C ILE A 367 -0.27 -29.25 -14.88
C ILE A 367 -0.36 -29.04 -14.92
N ASP A 368 -1.24 -29.75 -15.63
CA ASP A 368 -1.06 -29.97 -17.06
C ASP A 368 -2.32 -29.50 -17.78
N ILE A 369 -2.20 -29.13 -19.05
CA ILE A 369 -3.37 -28.84 -19.87
C ILE A 369 -4.12 -30.12 -20.29
N ASP A 370 -5.42 -30.01 -20.46
CA ASP A 370 -6.18 -31.08 -21.10
C ASP A 370 -6.56 -30.63 -22.51
N ARG A 371 -5.73 -30.99 -23.50
CA ARG A 371 -5.84 -30.45 -24.87
C ARG A 371 -7.16 -30.81 -25.52
N ARG A 372 -7.56 -32.07 -25.37
CA ARG A 372 -8.81 -32.51 -25.96
C ARG A 372 -9.98 -31.68 -25.44
N ASN A 373 -10.02 -31.42 -24.13
CA ASN A 373 -11.18 -30.73 -23.54
C ASN A 373 -11.14 -29.25 -23.93
N LEU A 374 -9.94 -28.68 -23.94
CA LEU A 374 -9.74 -27.32 -24.46
C LEU A 374 -10.25 -27.20 -25.89
N GLU A 375 -9.82 -28.13 -26.78
CA GLU A 375 -10.23 -28.10 -28.19
C GLU A 375 -11.73 -28.32 -28.39
N GLU A 376 -12.28 -29.32 -27.69
CA GLU A 376 -13.70 -29.62 -27.78
C GLU A 376 -14.58 -28.44 -27.37
N GLU A 377 -14.22 -27.79 -26.26
CA GLU A 377 -15.00 -26.63 -25.82
C GLU A 377 -14.99 -25.51 -26.86
N LEU A 378 -13.82 -25.24 -27.45
CA LEU A 378 -13.70 -24.15 -28.40
C LEU A 378 -14.54 -24.46 -29.62
N ASN A 379 -14.53 -25.73 -30.02
CA ASN A 379 -15.25 -26.18 -31.21
C ASN A 379 -16.78 -26.21 -31.05
N GLN A 380 -17.24 -26.09 -29.82
CA GLN A 380 -18.68 -25.98 -29.55
CA GLN A 380 -18.67 -26.00 -29.47
C GLN A 380 -19.11 -24.55 -29.20
N ASN A 381 -18.25 -23.57 -29.50
CA ASN A 381 -18.52 -22.15 -29.17
C ASN A 381 -18.23 -21.17 -30.31
N TRP A 382 -18.68 -21.57 -31.50
CA TRP A 382 -18.70 -20.77 -32.72
C TRP A 382 -19.42 -19.42 -32.63
N SER A 383 -20.36 -19.27 -31.69
CA SER A 383 -20.98 -17.95 -31.49
C SER A 383 -19.96 -16.84 -31.18
N THR A 384 -18.79 -17.20 -30.63
CA THR A 384 -17.74 -16.21 -30.31
C THR A 384 -17.09 -15.57 -31.55
N LEU A 385 -17.45 -16.02 -32.74
CA LEU A 385 -16.89 -15.44 -33.97
C LEU A 385 -17.81 -14.35 -34.51
N ALA A 386 -18.83 -14.01 -33.71
CA ALA A 386 -19.75 -12.94 -34.08
C ALA A 386 -19.02 -11.60 -34.27
N GLU A 387 -18.16 -11.24 -33.32
CA GLU A 387 -17.40 -9.98 -33.42
C GLU A 387 -16.44 -9.88 -34.64
N PRO A 388 -15.53 -10.85 -34.84
CA PRO A 388 -14.67 -10.67 -36.00
C PRO A 388 -15.46 -10.59 -37.33
N ILE A 389 -16.57 -11.32 -37.45
CA ILE A 389 -17.39 -11.22 -38.66
C ILE A 389 -17.90 -9.76 -38.83
N GLN A 390 -18.43 -9.19 -37.74
CA GLN A 390 -18.96 -7.83 -37.77
C GLN A 390 -17.89 -6.74 -38.04
N ILE A 391 -16.74 -6.92 -37.41
CA ILE A 391 -15.57 -6.07 -37.56
C ILE A 391 -15.18 -5.91 -39.05
N VAL A 392 -15.09 -7.05 -39.74
CA VAL A 392 -14.67 -7.14 -41.14
C VAL A 392 -15.79 -6.59 -42.03
N MET A 393 -17.06 -6.95 -41.76
CA MET A 393 -18.18 -6.31 -42.48
C MET A 393 -18.08 -4.78 -42.42
N LYS A 394 -17.91 -4.24 -41.22
CA LYS A 394 -17.77 -2.80 -40.99
C LYS A 394 -16.62 -2.16 -41.72
N ARG A 395 -15.48 -2.85 -41.74
CA ARG A 395 -14.28 -2.39 -42.42
C ARG A 395 -14.55 -2.16 -43.92
N HIS A 396 -15.45 -2.99 -44.49
CA HIS A 396 -15.87 -2.87 -45.88
C HIS A 396 -17.23 -2.17 -46.02
N ASN A 397 -17.48 -1.25 -45.09
CA ASN A 397 -18.57 -0.24 -45.14
C ASN A 397 -19.98 -0.70 -44.86
N TYR A 398 -20.13 -1.94 -44.39
CA TYR A 398 -21.41 -2.44 -43.93
C TYR A 398 -21.92 -1.67 -42.73
N VAL A 399 -23.22 -1.45 -42.71
CA VAL A 399 -23.93 -0.69 -41.68
C VAL A 399 -24.87 -1.60 -40.84
N ASP A 400 -24.84 -1.41 -39.53
CA ASP A 400 -25.56 -2.26 -38.57
C ASP A 400 -25.30 -3.76 -38.81
N ALA A 401 -24.02 -4.14 -38.78
CA ALA A 401 -23.60 -5.55 -38.91
C ALA A 401 -24.17 -6.44 -37.80
N TYR A 402 -24.24 -5.89 -36.59
CA TYR A 402 -24.81 -6.61 -35.43
C TYR A 402 -26.27 -7.00 -35.66
N GLU A 403 -27.09 -6.05 -36.11
CA GLU A 403 -28.51 -6.33 -36.38
C GLU A 403 -28.66 -7.36 -37.49
N GLU A 404 -27.81 -7.29 -38.52
CA GLU A 404 -27.81 -8.28 -39.59
C GLU A 404 -27.58 -9.72 -39.11
N LEU A 405 -26.61 -9.90 -38.21
CA LEU A 405 -26.31 -11.22 -37.66
C LEU A 405 -27.40 -11.69 -36.71
N LYS A 406 -27.86 -10.77 -35.87
CA LYS A 406 -29.00 -11.00 -34.99
C LYS A 406 -30.26 -11.42 -35.79
N GLN A 407 -30.58 -10.67 -36.85
CA GLN A 407 -31.68 -11.00 -37.77
C GLN A 407 -31.54 -12.41 -38.27
N PHE A 408 -30.34 -12.76 -38.76
CA PHE A 408 -30.07 -14.07 -39.33
C PHE A 408 -30.17 -15.22 -38.31
N THR A 409 -29.81 -14.95 -37.05
CA THR A 409 -29.75 -16.05 -36.08
C THR A 409 -31.03 -16.17 -35.25
N ARG A 410 -31.97 -15.23 -35.47
CA ARG A 410 -33.24 -15.20 -34.76
C ARG A 410 -33.84 -16.60 -34.71
N GLY A 411 -34.11 -17.05 -33.50
CA GLY A 411 -34.77 -18.34 -33.28
C GLY A 411 -33.89 -19.55 -33.53
N LYS A 412 -32.64 -19.33 -33.91
CA LYS A 412 -31.74 -20.44 -34.18
C LYS A 412 -30.76 -20.64 -33.02
N VAL A 413 -30.37 -21.88 -32.79
CA VAL A 413 -29.29 -22.15 -31.85
C VAL A 413 -27.99 -22.02 -32.62
N ILE A 414 -27.21 -20.99 -32.30
CA ILE A 414 -26.00 -20.64 -33.08
C ILE A 414 -24.95 -21.74 -32.96
N ASP A 415 -24.45 -22.22 -34.10
CA ASP A 415 -23.43 -23.24 -34.14
C ASP A 415 -22.48 -22.97 -35.34
N GLN A 416 -21.54 -23.86 -35.60
CA GLN A 416 -20.58 -23.67 -36.73
C GLN A 416 -21.27 -23.49 -38.08
N LYS A 417 -22.23 -24.38 -38.36
CA LYS A 417 -22.91 -24.43 -39.64
C LYS A 417 -23.58 -23.09 -39.93
N ILE A 418 -24.30 -22.59 -38.93
CA ILE A 418 -24.99 -21.29 -39.00
C ILE A 418 -24.04 -20.12 -39.21
N MET A 419 -22.91 -20.10 -38.48
CA MET A 419 -21.94 -19.00 -38.57
C MET A 419 -21.26 -18.98 -39.91
N GLN A 420 -20.90 -20.16 -40.42
CA GLN A 420 -20.24 -20.25 -41.73
C GLN A 420 -21.22 -20.00 -42.87
N GLU A 421 -22.49 -20.32 -42.63
CA GLU A 421 -23.56 -19.98 -43.58
C GLU A 421 -23.80 -18.47 -43.65
N PHE A 422 -23.72 -17.81 -42.49
CA PHE A 422 -23.76 -16.37 -42.47
C PHE A 422 -22.63 -15.74 -43.32
N ILE A 423 -21.40 -16.22 -43.14
CA ILE A 423 -20.24 -15.72 -43.90
C ILE A 423 -20.43 -15.93 -45.42
N LYS A 424 -20.78 -17.16 -45.81
N LYS A 424 -20.77 -17.16 -45.81
CA LYS A 424 -20.92 -17.53 -47.21
CA LYS A 424 -20.92 -17.52 -47.21
C LYS A 424 -22.07 -16.82 -47.93
C LYS A 424 -22.07 -16.81 -47.92
N THR A 425 -23.17 -16.58 -47.22
CA THR A 425 -24.36 -16.00 -47.85
C THR A 425 -24.61 -14.53 -47.55
N LYS A 426 -24.12 -14.05 -46.40
CA LYS A 426 -24.35 -12.66 -46.02
C LYS A 426 -23.11 -11.77 -46.13
N CYS A 427 -21.94 -12.39 -46.30
CA CYS A 427 -20.71 -11.63 -46.36
C CYS A 427 -20.04 -11.78 -47.71
N ALA A 428 -20.77 -12.27 -48.72
CA ALA A 428 -20.19 -12.62 -50.01
C ALA A 428 -19.75 -11.41 -50.81
N PHE A 429 -20.29 -10.24 -50.46
CA PHE A 429 -19.88 -8.95 -51.03
C PHE A 429 -18.41 -8.57 -50.73
N LEU A 430 -17.85 -9.21 -49.71
CA LEU A 430 -16.44 -8.98 -49.34
C LEU A 430 -15.52 -9.48 -50.45
N PRO A 431 -14.30 -8.92 -50.53
CA PRO A 431 -13.31 -9.48 -51.46
C PRO A 431 -13.16 -10.98 -51.18
N GLN A 432 -12.95 -11.78 -52.22
CA GLN A 432 -12.98 -13.24 -51.99
C GLN A 432 -11.87 -13.73 -51.06
N ASP A 433 -10.71 -13.08 -51.11
CA ASP A 433 -9.63 -13.41 -50.18
C ASP A 433 -10.07 -13.19 -48.71
N VAL A 434 -10.86 -12.14 -48.48
CA VAL A 434 -11.38 -11.81 -47.14
C VAL A 434 -12.45 -12.84 -46.75
N VAL A 435 -13.34 -13.18 -47.69
CA VAL A 435 -14.30 -14.26 -47.47
C VAL A 435 -13.58 -15.57 -47.07
N ASP A 436 -12.53 -15.88 -47.81
CA ASP A 436 -11.74 -17.10 -47.61
C ASP A 436 -11.09 -17.09 -46.22
N GLN A 437 -10.61 -15.94 -45.78
CA GLN A 437 -10.03 -15.85 -44.44
C GLN A 437 -11.04 -15.97 -43.32
N LEU A 438 -12.24 -15.42 -43.52
CA LEU A 438 -13.30 -15.58 -42.56
C LEU A 438 -13.72 -17.04 -42.43
N LEU A 439 -13.70 -17.74 -43.57
CA LEU A 439 -14.15 -19.13 -43.58
C LEU A 439 -13.09 -20.03 -42.99
N GLU A 440 -11.86 -19.54 -42.89
CA GLU A 440 -10.80 -20.35 -42.23
C GLU A 440 -10.71 -20.08 -40.70
N LEU A 441 -11.40 -19.07 -40.22
CA LEU A 441 -11.43 -18.76 -38.79
C LEU A 441 -12.17 -19.81 -38.01
N THR A 442 -11.63 -20.14 -36.84
CA THR A 442 -12.32 -21.01 -35.90
C THR A 442 -12.11 -20.35 -34.53
N PRO A 443 -12.94 -20.74 -33.55
CA PRO A 443 -12.73 -20.19 -32.21
C PRO A 443 -11.33 -20.47 -31.69
N ALA A 444 -10.73 -21.62 -32.01
CA ALA A 444 -9.36 -21.93 -31.59
C ALA A 444 -8.32 -21.05 -32.26
N THR A 445 -8.64 -20.46 -33.43
CA THR A 445 -7.63 -19.64 -34.14
C THR A 445 -7.90 -18.14 -33.95
N TYR A 446 -8.99 -17.81 -33.28
CA TYR A 446 -9.31 -16.45 -33.04
C TYR A 446 -8.75 -16.04 -31.67
N THR A 447 -7.44 -15.96 -31.58
CA THR A 447 -6.82 -15.67 -30.27
C THR A 447 -6.05 -14.36 -30.17
N GLY A 448 -6.20 -13.45 -31.15
CA GLY A 448 -5.40 -12.22 -31.25
C GLY A 448 -3.91 -12.42 -31.01
N TYR A 449 -3.34 -11.60 -30.16
CA TYR A 449 -1.91 -11.69 -29.87
C TYR A 449 -1.63 -12.36 -28.53
N ALA A 450 -2.54 -13.23 -28.11
CA ALA A 450 -2.35 -13.99 -26.88
C ALA A 450 -1.00 -14.74 -26.84
N ASP A 451 -0.66 -15.46 -27.89
CA ASP A 451 0.57 -16.24 -27.94
C ASP A 451 1.78 -15.27 -27.86
N TYR A 452 1.77 -14.26 -28.72
CA TYR A 452 2.79 -13.21 -28.68
C TYR A 452 2.98 -12.62 -27.27
N LEU A 453 1.88 -12.18 -26.63
CA LEU A 453 1.96 -11.52 -25.32
C LEU A 453 2.45 -12.49 -24.25
N ALA A 454 1.99 -13.73 -24.32
CA ALA A 454 2.39 -14.74 -23.33
C ALA A 454 3.90 -15.00 -23.41
N LYS A 455 4.44 -15.21 -24.62
CA LYS A 455 5.89 -15.47 -24.82
C LYS A 455 6.73 -14.28 -24.47
N ASN A 456 6.21 -13.08 -24.61
CA ASN A 456 6.99 -11.89 -24.38
C ASN A 456 6.80 -11.21 -23.05
N VAL A 457 6.14 -11.89 -22.11
CA VAL A 457 5.77 -11.22 -20.86
C VAL A 457 6.94 -10.69 -20.02
N GLU A 458 8.03 -11.45 -19.87
CA GLU A 458 9.12 -10.91 -19.03
C GLU A 458 9.61 -9.61 -19.66
N ARG A 459 9.73 -9.69 -20.98
CA ARG A 459 10.24 -8.64 -21.85
C ARG A 459 9.30 -7.44 -21.93
N LEU A 460 7.98 -7.62 -21.71
CA LEU A 460 6.93 -6.56 -21.85
C LEU A 460 6.13 -6.11 -20.60
N SER A 461 6.24 -6.84 -19.48
CA SER A 461 5.42 -6.54 -18.28
C SER A 461 5.74 -5.17 -17.66
N GLY A 462 6.93 -4.63 -17.93
CA GLY A 462 7.27 -3.29 -17.43
C GLY A 462 7.70 -3.34 -15.97
N GLU A 463 7.58 -2.23 -15.26
CA GLU A 463 8.17 -2.14 -13.91
C GLU A 463 7.26 -2.65 -12.79
N GLU B 3 -33.05 20.29 0.00
CA GLU B 3 -33.57 18.92 -0.42
C GLU B 3 -32.53 18.01 -1.12
N HIS B 4 -31.34 18.54 -1.31
CA HIS B 4 -30.17 17.72 -1.20
C HIS B 4 -30.22 17.13 0.24
N LEU B 5 -30.94 17.80 1.14
CA LEU B 5 -31.22 17.26 2.49
C LEU B 5 -32.07 15.98 2.55
N LYS B 6 -32.73 15.62 1.47
CA LYS B 6 -33.42 14.33 1.37
C LYS B 6 -32.50 13.21 0.82
N ASN B 7 -31.26 13.58 0.51
CA ASN B 7 -30.27 12.57 0.10
C ASN B 7 -29.92 11.66 1.28
N ILE B 8 -29.73 10.38 1.00
CA ILE B 8 -29.38 9.36 2.03
C ILE B 8 -27.89 9.45 2.41
N SER B 9 -27.01 9.59 1.43
CA SER B 9 -25.57 9.70 1.72
C SER B 9 -25.20 11.04 2.36
N PRO B 10 -24.47 11.03 3.49
CA PRO B 10 -24.08 12.33 4.04
C PRO B 10 -23.15 13.13 3.10
N ILE B 11 -22.51 12.44 2.18
CA ILE B 11 -21.72 13.02 1.08
C ILE B 11 -22.50 14.00 0.20
N ASP B 12 -23.68 13.60 -0.20
CA ASP B 12 -24.56 14.41 -1.03
C ASP B 12 -25.61 15.14 -0.19
N GLY B 13 -25.63 14.86 1.11
CA GLY B 13 -26.53 15.49 2.07
C GLY B 13 -25.78 16.51 2.90
N ARG B 14 -25.66 16.25 4.20
CA ARG B 14 -25.07 17.19 5.17
C ARG B 14 -23.74 17.80 4.74
N TYR B 15 -22.87 17.00 4.12
CA TYR B 15 -21.52 17.47 3.76
C TYR B 15 -21.29 17.89 2.28
N LYS B 16 -22.36 18.06 1.53
CA LYS B 16 -22.23 18.37 0.10
C LYS B 16 -21.43 19.64 -0.17
N LYS B 17 -21.54 20.64 0.71
CA LYS B 17 -20.76 21.88 0.54
C LYS B 17 -19.25 21.62 0.64
N ALA B 18 -18.85 20.73 1.55
CA ALA B 18 -17.46 20.34 1.73
C ALA B 18 -16.86 19.52 0.59
N CYS B 19 -17.66 18.84 -0.20
CA CYS B 19 -17.08 17.90 -1.16
C CYS B 19 -17.61 17.95 -2.56
N GLY B 20 -18.47 18.93 -2.82
CA GLY B 20 -19.11 19.12 -4.11
C GLY B 20 -18.19 19.22 -5.30
N GLU B 21 -17.01 19.83 -5.14
CA GLU B 21 -16.01 19.87 -6.24
C GLU B 21 -15.63 18.50 -6.84
N LEU B 22 -15.86 17.42 -6.07
CA LEU B 22 -15.67 16.05 -6.54
C LEU B 22 -16.66 15.60 -7.63
N SER B 23 -17.86 16.17 -7.69
CA SER B 23 -18.80 15.65 -8.67
C SER B 23 -18.34 15.83 -10.12
N ALA B 24 -17.42 16.75 -10.39
CA ALA B 24 -16.84 16.88 -11.74
C ALA B 24 -15.97 15.69 -12.14
N PHE B 25 -15.50 14.91 -11.14
CA PHE B 25 -14.62 13.77 -11.37
C PHE B 25 -15.41 12.45 -11.22
N PHE B 26 -16.34 12.45 -10.28
CA PHE B 26 -17.02 11.24 -9.88
C PHE B 26 -18.50 11.53 -9.63
N SER B 27 -19.30 11.16 -10.59
CA SER B 27 -20.73 11.18 -10.48
C SER B 27 -21.07 10.47 -11.73
N GLU B 28 -22.29 9.98 -11.82
CA GLU B 28 -22.72 9.37 -13.05
C GLU B 28 -22.60 10.38 -14.23
N HIS B 29 -22.86 11.66 -13.94
CA HIS B 29 -22.72 12.72 -14.96
C HIS B 29 -21.28 12.76 -15.49
N ALA B 30 -20.30 12.80 -14.58
CA ALA B 30 -18.91 12.88 -14.98
C ALA B 30 -18.50 11.60 -15.69
N LEU B 31 -19.01 10.45 -15.25
CA LEU B 31 -18.67 9.17 -15.90
C LEU B 31 -19.17 9.18 -17.37
N ILE B 32 -20.41 9.59 -17.60
CA ILE B 32 -20.97 9.71 -18.96
C ILE B 32 -20.14 10.67 -19.83
N LYS B 33 -19.92 11.87 -19.31
CA LYS B 33 -19.08 12.89 -19.93
C LYS B 33 -17.72 12.33 -20.39
N HIS B 34 -16.98 11.70 -19.47
CA HIS B 34 -15.67 11.14 -19.82
C HIS B 34 -15.69 9.95 -20.75
N ARG B 35 -16.74 9.15 -20.66
CA ARG B 35 -16.93 8.12 -21.66
C ARG B 35 -17.10 8.73 -23.07
N ILE B 36 -17.91 9.79 -23.20
CA ILE B 36 -18.10 10.45 -24.49
C ILE B 36 -16.74 10.93 -25.03
N ILE B 37 -15.98 11.58 -24.15
CA ILE B 37 -14.63 12.08 -24.52
C ILE B 37 -13.71 10.97 -24.98
N VAL B 38 -13.68 9.84 -24.26
CA VAL B 38 -12.84 8.71 -24.64
C VAL B 38 -13.26 8.19 -26.02
N GLU B 39 -14.57 8.01 -26.22
CA GLU B 39 -15.08 7.60 -27.58
C GLU B 39 -14.69 8.57 -28.69
N VAL B 40 -14.87 9.85 -28.45
CA VAL B 40 -14.48 10.85 -29.45
C VAL B 40 -12.97 10.81 -29.74
N ARG B 41 -12.15 10.79 -28.69
CA ARG B 41 -10.70 10.70 -28.85
C ARG B 41 -10.22 9.44 -29.60
N TRP B 42 -10.88 8.32 -29.40
CA TRP B 42 -10.57 7.10 -30.18
C TRP B 42 -10.79 7.29 -31.69
N LEU B 43 -11.92 7.86 -32.05
CA LEU B 43 -12.24 8.13 -33.46
C LEU B 43 -11.26 9.17 -34.02
N LEU B 44 -10.94 10.19 -33.24
CA LEU B 44 -9.92 11.15 -33.65
C LEU B 44 -8.56 10.50 -33.93
N PHE B 45 -8.19 9.50 -33.10
CA PHE B 45 -6.95 8.77 -33.27
C PHE B 45 -7.00 7.87 -34.51
N LEU B 46 -8.12 7.19 -34.72
CA LEU B 46 -8.30 6.40 -35.95
C LEU B 46 -8.20 7.30 -37.22
N ASN B 47 -8.75 8.51 -37.12
CA ASN B 47 -8.62 9.50 -38.18
C ASN B 47 -7.16 9.93 -38.41
N GLU B 48 -6.47 10.31 -37.33
CA GLU B 48 -5.02 10.63 -37.32
C GLU B 48 -4.18 9.56 -37.95
N GLU B 49 -4.48 8.30 -37.64
CA GLU B 49 -3.66 7.21 -38.03
C GLU B 49 -4.02 6.63 -39.40
N GLU B 50 -5.21 6.97 -39.88
CA GLU B 50 -5.72 6.45 -41.15
C GLU B 50 -5.66 4.94 -41.28
N LEU B 51 -5.97 4.26 -40.17
CA LEU B 51 -5.92 2.79 -40.15
C LEU B 51 -7.04 2.18 -41.04
N PHE B 52 -8.21 2.83 -41.07
CA PHE B 52 -9.41 2.25 -41.67
C PHE B 52 -10.10 3.14 -42.71
N PHE B 53 -9.75 4.41 -42.73
CA PHE B 53 -10.36 5.36 -43.66
C PHE B 53 -9.35 6.50 -43.93
N GLU B 54 -9.51 7.20 -45.04
CA GLU B 54 -8.69 8.37 -45.30
C GLU B 54 -9.21 9.53 -44.42
N LYS B 55 -8.30 10.39 -43.98
CA LYS B 55 -8.60 11.51 -43.09
C LYS B 55 -9.80 12.36 -43.49
N VAL B 56 -10.66 12.67 -42.52
CA VAL B 56 -11.77 13.56 -42.79
C VAL B 56 -11.26 14.99 -42.99
N THR B 57 -12.17 15.90 -43.37
CA THR B 57 -11.80 17.31 -43.58
C THR B 57 -11.43 18.00 -42.27
N ASP B 58 -10.52 18.98 -42.37
CA ASP B 58 -10.06 19.75 -41.21
C ASP B 58 -11.20 20.29 -40.34
N HIS B 59 -12.32 20.61 -40.98
CA HIS B 59 -13.47 21.14 -40.29
C HIS B 59 -14.27 20.03 -39.63
N SER B 60 -14.29 18.86 -40.26
CA SER B 60 -15.00 17.71 -39.73
C SER B 60 -14.32 17.21 -38.44
N VAL B 61 -13.00 17.39 -38.40
CA VAL B 61 -12.21 17.13 -37.20
C VAL B 61 -12.65 18.04 -36.06
N GLU B 62 -12.93 19.31 -36.35
CA GLU B 62 -13.35 20.22 -35.29
C GLU B 62 -14.78 19.94 -34.85
N VAL B 63 -15.62 19.52 -35.80
CA VAL B 63 -16.99 19.10 -35.45
C VAL B 63 -16.97 17.82 -34.59
N LEU B 64 -16.11 16.87 -34.96
CA LEU B 64 -15.84 15.68 -34.14
C LEU B 64 -15.36 16.09 -32.74
N ASN B 65 -14.32 16.92 -32.65
CA ASN B 65 -13.89 17.51 -31.37
C ASN B 65 -14.99 18.11 -30.47
N GLN B 66 -15.92 18.84 -31.08
CA GLN B 66 -16.88 19.62 -30.34
C GLN B 66 -17.91 18.77 -29.62
N ILE B 67 -18.11 17.56 -30.13
CA ILE B 67 -18.89 16.54 -29.43
C ILE B 67 -18.32 16.27 -28.03
N ALA B 68 -16.98 16.28 -27.93
CA ALA B 68 -16.32 15.97 -26.66
C ALA B 68 -16.01 17.21 -25.82
N THR B 69 -15.94 18.37 -26.46
CA THR B 69 -15.55 19.56 -25.71
C THR B 69 -16.75 20.40 -25.28
N ASN B 70 -17.94 20.08 -25.78
CA ASN B 70 -19.16 20.73 -25.35
C ASN B 70 -20.23 19.72 -24.91
N ILE B 71 -20.07 19.16 -23.72
CA ILE B 71 -21.01 18.18 -23.23
C ILE B 71 -21.95 18.86 -22.23
N THR B 72 -23.25 18.76 -22.47
CA THR B 72 -24.25 19.53 -21.71
C THR B 72 -25.04 18.60 -20.82
N ASP B 73 -25.87 19.17 -19.93
CA ASP B 73 -26.77 18.36 -19.11
C ASP B 73 -27.74 17.56 -19.97
N SER B 74 -28.22 18.16 -21.05
CA SER B 74 -29.15 17.45 -21.95
C SER B 74 -28.49 16.25 -22.67
N ASP B 75 -27.22 16.40 -23.00
CA ASP B 75 -26.39 15.30 -23.55
C ASP B 75 -26.44 14.09 -22.61
N ILE B 76 -26.23 14.37 -21.33
CA ILE B 76 -26.29 13.37 -20.26
C ILE B 76 -27.67 12.73 -20.12
N ALA B 77 -28.74 13.56 -20.11
CA ALA B 77 -30.12 13.05 -20.06
C ALA B 77 -30.41 12.15 -21.27
N ARG B 78 -29.89 12.54 -22.42
CA ARG B 78 -30.02 11.72 -23.64
C ARG B 78 -29.36 10.35 -23.49
N VAL B 79 -28.16 10.30 -22.89
CA VAL B 79 -27.50 9.03 -22.69
C VAL B 79 -28.35 8.13 -21.77
N LYS B 80 -28.84 8.70 -20.65
CA LYS B 80 -29.77 8.00 -19.75
C LYS B 80 -31.05 7.54 -20.44
N ALA B 81 -31.64 8.39 -21.30
CA ALA B 81 -32.81 8.01 -22.08
C ALA B 81 -32.51 6.73 -22.88
N ILE B 82 -31.36 6.73 -23.55
CA ILE B 82 -30.96 5.57 -24.36
C ILE B 82 -30.69 4.34 -23.49
N GLU B 83 -30.08 4.55 -22.32
CA GLU B 83 -29.79 3.46 -21.40
C GLU B 83 -31.06 2.75 -20.90
N GLU B 84 -32.18 3.47 -20.81
CA GLU B 84 -33.50 2.84 -20.53
C GLU B 84 -33.84 1.76 -21.58
N GLU B 85 -33.47 1.99 -22.83
CA GLU B 85 -33.63 1.01 -23.90
C GLU B 85 -32.59 -0.14 -23.74
N THR B 86 -31.31 0.23 -23.74
CA THR B 86 -30.22 -0.76 -23.81
C THR B 86 -30.01 -1.59 -22.55
N ASN B 87 -30.34 -1.03 -21.38
CA ASN B 87 -29.83 -1.53 -20.08
C ASN B 87 -28.31 -1.82 -20.16
N HIS B 88 -27.59 -0.97 -20.90
CA HIS B 88 -26.13 -1.08 -21.07
C HIS B 88 -25.63 0.33 -21.20
N ASP B 89 -24.86 0.77 -20.19
CA ASP B 89 -24.52 2.19 -20.04
C ASP B 89 -23.53 2.69 -21.11
N VAL B 90 -22.46 1.92 -21.37
CA VAL B 90 -21.50 2.27 -22.45
C VAL B 90 -22.10 2.20 -23.87
N LYS B 91 -22.91 1.18 -24.12
CA LYS B 91 -23.57 1.04 -25.41
C LYS B 91 -24.44 2.25 -25.70
N ALA B 92 -25.10 2.75 -24.66
CA ALA B 92 -25.85 4.01 -24.75
C ALA B 92 -24.98 5.19 -25.19
N VAL B 93 -23.73 5.27 -24.71
CA VAL B 93 -22.79 6.32 -25.19
C VAL B 93 -22.37 6.14 -26.69
N GLU B 94 -22.19 4.89 -27.14
CA GLU B 94 -21.87 4.65 -28.56
C GLU B 94 -23.00 5.25 -29.38
N TYR B 95 -24.24 4.81 -29.09
CA TYR B 95 -25.43 5.33 -29.78
C TYR B 95 -25.46 6.84 -29.76
N PHE B 96 -25.15 7.46 -28.61
CA PHE B 96 -25.16 8.93 -28.50
C PHE B 96 -24.18 9.60 -29.44
N VAL B 97 -22.96 9.06 -29.51
CA VAL B 97 -21.89 9.64 -30.35
C VAL B 97 -22.21 9.44 -31.85
N LYS B 98 -22.75 8.27 -32.20
CA LYS B 98 -23.15 7.98 -33.60
C LYS B 98 -24.25 8.92 -34.04
N GLU B 99 -25.26 9.11 -33.18
CA GLU B 99 -26.37 10.08 -33.34
C GLU B 99 -25.91 11.51 -33.63
N LYS B 100 -24.97 12.02 -32.85
CA LYS B 100 -24.38 13.38 -33.02
C LYS B 100 -23.62 13.51 -34.31
N LEU B 101 -23.12 12.38 -34.81
CA LEU B 101 -22.40 12.33 -36.08
C LEU B 101 -23.38 12.28 -37.25
N LYS B 102 -24.38 11.40 -37.15
CA LYS B 102 -25.53 11.39 -38.06
C LYS B 102 -26.10 12.80 -38.14
N ASN B 103 -26.47 13.36 -37.00
CA ASN B 103 -27.07 14.70 -36.91
C ASN B 103 -26.14 15.85 -37.29
N SER B 104 -24.90 15.55 -37.61
CA SER B 104 -23.99 16.59 -38.07
C SER B 104 -24.29 16.83 -39.53
N LYS B 105 -23.84 17.97 -40.04
CA LYS B 105 -23.92 18.20 -41.48
C LYS B 105 -23.18 17.08 -42.21
N ARG B 106 -21.95 16.83 -41.75
CA ARG B 106 -20.84 16.38 -42.59
C ARG B 106 -20.94 14.98 -43.22
N GLU B 107 -20.59 14.92 -44.51
CA GLU B 107 -20.69 13.70 -45.30
C GLU B 107 -19.60 12.67 -44.90
N ASP B 108 -18.36 13.14 -44.75
CA ASP B 108 -17.25 12.29 -44.29
C ASP B 108 -17.50 11.75 -42.88
N LEU B 109 -18.12 12.58 -42.02
CA LEU B 109 -18.54 12.17 -40.67
C LEU B 109 -19.66 11.15 -40.70
N LEU B 110 -20.54 11.25 -41.70
CA LEU B 110 -21.59 10.24 -41.90
C LEU B 110 -20.99 8.92 -42.35
N LYS B 111 -19.89 8.99 -43.08
CA LYS B 111 -19.16 7.78 -43.47
C LYS B 111 -18.50 7.06 -42.27
N ILE B 112 -17.84 7.82 -41.40
CA ILE B 112 -16.95 7.27 -40.37
C ILE B 112 -17.66 6.94 -39.06
N LYS B 113 -18.91 7.36 -38.96
CA LYS B 113 -19.69 7.15 -37.76
C LYS B 113 -19.83 5.68 -37.38
N GLU B 114 -19.82 4.77 -38.35
CA GLU B 114 -19.82 3.33 -38.07
C GLU B 114 -18.57 2.85 -37.32
N TYR B 115 -17.54 3.68 -37.27
CA TYR B 115 -16.26 3.33 -36.63
C TYR B 115 -16.21 3.79 -35.17
N VAL B 116 -17.31 4.33 -34.67
CA VAL B 116 -17.42 4.73 -33.27
C VAL B 116 -17.30 3.43 -32.49
N HIS B 117 -16.38 3.38 -31.51
CA HIS B 117 -16.18 2.21 -30.64
C HIS B 117 -15.55 1.06 -31.42
N TYR B 118 -14.97 1.36 -32.58
CA TYR B 118 -14.51 0.28 -33.42
C TYR B 118 -13.43 -0.52 -32.67
N LEU B 119 -13.58 -1.84 -32.67
CA LEU B 119 -12.65 -2.79 -32.06
C LEU B 119 -12.68 -2.85 -30.53
N CYS B 120 -13.39 -1.93 -29.89
CA CYS B 120 -13.41 -1.78 -28.44
C CYS B 120 -14.29 -2.73 -27.72
N THR B 121 -13.94 -2.93 -26.45
CA THR B 121 -14.87 -3.49 -25.50
C THR B 121 -15.25 -2.35 -24.54
N SER B 122 -16.38 -2.47 -23.83
CA SER B 122 -16.88 -1.37 -22.95
C SER B 122 -15.84 -0.94 -21.91
N GLU B 123 -15.17 -1.94 -21.31
CA GLU B 123 -14.10 -1.68 -20.35
C GLU B 123 -12.93 -0.90 -20.93
N ASP B 124 -12.70 -0.96 -22.26
CA ASP B 124 -11.67 -0.03 -22.88
C ASP B 124 -12.04 1.44 -22.61
N ILE B 125 -13.30 1.77 -22.82
CA ILE B 125 -13.77 3.13 -22.55
C ILE B 125 -13.78 3.45 -21.04
N ASN B 126 -14.35 2.54 -20.23
CA ASN B 126 -14.48 2.77 -18.78
C ASN B 126 -13.16 3.00 -18.09
N ASN B 127 -12.17 2.16 -18.39
CA ASN B 127 -10.95 2.17 -17.61
C ASN B 127 -10.16 3.45 -17.86
N VAL B 128 -10.20 3.94 -19.09
CA VAL B 128 -9.59 5.22 -19.41
C VAL B 128 -10.38 6.37 -18.75
N ALA B 129 -11.71 6.36 -18.85
CA ALA B 129 -12.55 7.34 -18.12
C ALA B 129 -12.16 7.43 -16.64
N TYR B 130 -12.16 6.28 -15.95
CA TYR B 130 -11.78 6.19 -14.49
C TYR B 130 -10.37 6.65 -14.23
N ALA B 131 -9.40 6.15 -15.02
CA ALA B 131 -7.98 6.55 -14.87
C ALA B 131 -7.75 8.05 -15.01
N THR B 132 -8.34 8.66 -16.02
CA THR B 132 -8.19 10.10 -16.18
C THR B 132 -8.88 10.91 -15.08
N CYS B 133 -10.06 10.48 -14.66
CA CYS B 133 -10.77 11.13 -13.55
C CYS B 133 -10.06 10.96 -12.21
N LEU B 134 -9.58 9.76 -11.93
CA LEU B 134 -8.88 9.52 -10.71
C LEU B 134 -7.59 10.34 -10.63
N LYS B 135 -6.76 10.23 -11.66
CA LYS B 135 -5.53 11.01 -11.73
C LYS B 135 -5.78 12.51 -11.50
N ALA B 136 -6.73 13.07 -12.25
CA ALA B 136 -7.02 14.51 -12.19
C ALA B 136 -7.61 14.90 -10.83
N CYS B 137 -8.45 14.04 -10.27
CA CYS B 137 -8.99 14.30 -8.95
C CYS B 137 -7.91 14.37 -7.87
N LEU B 138 -6.99 13.42 -7.89
CA LEU B 138 -5.93 13.35 -6.89
C LEU B 138 -4.96 14.51 -7.10
N ASN B 139 -4.48 14.70 -8.31
CA ASN B 139 -3.59 15.81 -8.63
C ASN B 139 -4.20 17.21 -8.39
N ASP B 140 -5.49 17.41 -8.70
CA ASP B 140 -6.09 18.73 -8.59
C ASP B 140 -6.83 19.04 -7.30
N VAL B 141 -7.32 18.02 -6.62
CA VAL B 141 -8.18 18.26 -5.46
C VAL B 141 -7.63 17.55 -4.20
N VAL B 142 -7.53 16.22 -4.26
CA VAL B 142 -7.33 15.46 -3.03
C VAL B 142 -5.90 15.65 -2.49
N ILE B 143 -4.89 15.47 -3.35
CA ILE B 143 -3.52 15.62 -2.85
C ILE B 143 -3.16 17.05 -2.44
N PRO B 144 -3.59 18.08 -3.23
CA PRO B 144 -3.48 19.48 -2.73
C PRO B 144 -4.08 19.74 -1.37
N CYS B 145 -5.25 19.16 -1.05
CA CYS B 145 -5.80 19.30 0.31
C CYS B 145 -4.90 18.66 1.38
N LEU B 146 -4.35 17.50 1.06
CA LEU B 146 -3.40 16.85 1.94
C LEU B 146 -2.15 17.73 2.11
N GLU B 147 -1.67 18.28 1.00
CA GLU B 147 -0.50 19.16 1.04
C GLU B 147 -0.73 20.45 1.82
N LYS B 148 -2.00 20.89 1.91
CA LYS B 148 -2.38 22.03 2.77
C LYS B 148 -2.23 21.69 4.24
N ILE B 149 -2.66 20.48 4.62
CA ILE B 149 -2.47 20.03 5.99
C ILE B 149 -0.96 19.96 6.32
N MET B 150 -0.19 19.39 5.41
CA MET B 150 1.27 19.28 5.49
C MET B 150 1.94 20.65 5.74
N LEU B 151 1.49 21.66 5.00
CA LEU B 151 2.01 23.02 5.12
C LEU B 151 1.67 23.63 6.49
N LYS B 152 0.45 23.40 6.96
CA LYS B 152 0.04 23.88 8.27
C LYS B 152 0.84 23.19 9.43
N LEU B 153 1.04 21.88 9.31
CA LEU B 153 1.92 21.16 10.28
C LEU B 153 3.36 21.73 10.27
N LYS B 154 3.93 21.99 9.11
CA LYS B 154 5.26 22.59 9.01
C LYS B 154 5.27 24.00 9.67
N ASP B 155 4.23 24.79 9.38
CA ASP B 155 4.07 26.11 9.99
C ASP B 155 3.97 26.00 11.51
N LEU B 156 3.20 25.02 11.99
CA LEU B 156 3.10 24.79 13.41
C LEU B 156 4.40 24.30 14.03
N ALA B 157 5.13 23.46 13.29
CA ALA B 157 6.40 22.91 13.72
C ALA B 157 7.42 24.05 13.98
N VAL B 158 7.52 24.97 13.03
CA VAL B 158 8.42 26.09 13.09
C VAL B 158 7.96 27.13 14.16
N GLU B 159 6.70 27.56 14.06
CA GLU B 159 6.12 28.53 15.02
C GLU B 159 6.31 28.16 16.51
N TYR B 160 6.11 26.88 16.84
CA TYR B 160 6.15 26.43 18.22
C TYR B 160 7.35 25.54 18.48
N SER B 161 8.36 25.60 17.61
CA SER B 161 9.54 24.73 17.74
C SER B 161 10.21 24.77 19.13
N HIS B 162 10.13 25.91 19.81
CA HIS B 162 10.80 26.12 21.10
C HIS B 162 9.93 25.88 22.30
N VAL B 163 8.63 25.71 22.12
CA VAL B 163 7.70 25.74 23.25
C VAL B 163 7.77 24.41 24.01
N PRO B 164 8.36 24.43 25.21
CA PRO B 164 8.46 23.14 25.91
C PRO B 164 7.11 22.47 26.22
N LEU B 165 7.11 21.13 26.15
CA LEU B 165 5.92 20.33 26.33
C LEU B 165 6.28 19.06 27.10
N LEU B 166 5.59 18.77 28.20
CA LEU B 166 5.80 17.51 28.89
C LEU B 166 5.34 16.29 28.04
N SER B 167 6.28 15.42 27.69
CA SER B 167 5.95 14.19 26.95
C SER B 167 5.23 13.22 27.86
N ARG B 168 4.47 12.30 27.25
CA ARG B 168 3.76 11.24 27.97
C ARG B 168 3.89 9.93 27.19
N THR B 169 4.42 8.93 27.89
CA THR B 169 4.59 7.61 27.33
C THR B 169 3.77 6.75 28.28
N HIS B 170 2.95 5.84 27.73
CA HIS B 170 1.88 5.14 28.48
C HIS B 170 0.91 6.10 29.17
N GLY B 171 0.77 7.33 28.63
CA GLY B 171 -0.04 8.36 29.24
C GLY B 171 0.62 9.14 30.37
N GLN B 172 1.81 8.73 30.76
CA GLN B 172 2.45 9.23 31.97
C GLN B 172 3.70 10.04 31.71
N PRO B 173 4.10 10.92 32.67
CA PRO B 173 5.18 11.87 32.41
C PRO B 173 6.46 11.24 31.91
N ALA B 174 7.12 11.90 30.95
CA ALA B 174 8.37 11.41 30.33
C ALA B 174 9.15 12.64 29.93
N SER B 175 10.42 12.46 29.51
CA SER B 175 11.33 13.55 29.11
C SER B 175 10.65 14.55 28.17
N SER B 176 10.91 15.83 28.33
CA SER B 176 10.21 16.86 27.57
C SER B 176 10.48 16.84 26.05
N THR B 177 9.53 17.42 25.34
CA THR B 177 9.66 17.65 23.92
C THR B 177 9.24 19.10 23.71
N THR B 178 8.98 19.52 22.49
CA THR B 178 8.30 20.81 22.30
C THR B 178 7.07 20.61 21.45
N PHE B 179 6.10 21.54 21.50
CA PHE B 179 4.88 21.38 20.70
C PHE B 179 5.18 21.35 19.20
N GLY B 180 6.12 22.19 18.77
CA GLY B 180 6.64 22.20 17.39
C GLY B 180 7.17 20.86 16.94
N LYS B 181 8.01 20.22 17.78
CA LYS B 181 8.56 18.91 17.47
C LYS B 181 7.50 17.82 17.24
N GLU B 182 6.50 17.75 18.11
CA GLU B 182 5.45 16.79 17.92
C GLU B 182 4.67 16.97 16.61
N MET B 183 4.55 18.22 16.14
CA MET B 183 3.84 18.54 14.91
C MET B 183 4.75 18.22 13.74
N ALA B 184 6.04 18.47 13.95
CA ALA B 184 7.09 18.13 12.96
C ALA B 184 7.08 16.64 12.65
N ASN B 185 6.76 15.80 13.66
CA ASN B 185 6.72 14.36 13.45
C ASN B 185 5.61 14.01 12.47
N PHE B 186 4.47 14.68 12.62
CA PHE B 186 3.32 14.46 11.71
C PHE B 186 3.58 15.00 10.31
N TYR B 187 4.20 16.16 10.22
CA TYR B 187 4.69 16.67 8.92
C TYR B 187 5.52 15.64 8.18
N ALA B 188 6.51 15.08 8.89
CA ALA B 188 7.48 14.20 8.26
C ALA B 188 6.78 12.96 7.67
N ARG B 189 5.85 12.38 8.42
CA ARG B 189 5.09 11.22 7.94
C ARG B 189 4.16 11.61 6.77
N ILE B 190 3.44 12.71 6.91
CA ILE B 190 2.51 13.07 5.84
C ILE B 190 3.31 13.35 4.58
N HIS B 191 4.43 14.05 4.74
CA HIS B 191 5.32 14.34 3.60
C HIS B 191 5.74 13.04 2.89
N HIS B 192 6.16 12.02 3.65
CA HIS B 192 6.53 10.73 3.06
C HIS B 192 5.34 10.07 2.33
N HIS B 193 4.16 10.09 2.96
CA HIS B 193 2.93 9.48 2.35
C HIS B 193 2.57 10.15 1.06
N VAL B 194 2.61 11.46 1.05
CA VAL B 194 2.29 12.19 -0.19
C VAL B 194 3.26 11.81 -1.31
N GLY B 195 4.54 11.67 -0.99
CA GLY B 195 5.51 11.29 -2.01
C GLY B 195 5.29 9.89 -2.58
N VAL B 196 4.99 8.92 -1.70
CA VAL B 196 4.65 7.56 -2.16
C VAL B 196 3.42 7.59 -3.09
N ILE B 197 2.37 8.29 -2.69
CA ILE B 197 1.15 8.35 -3.46
C ILE B 197 1.37 8.99 -4.87
N ARG B 198 2.10 10.10 -4.90
CA ARG B 198 2.40 10.77 -6.17
C ARG B 198 3.24 9.92 -7.13
N ARG B 199 3.98 8.94 -6.60
CA ARG B 199 4.78 8.04 -7.42
C ARG B 199 4.05 6.81 -7.98
N VAL B 200 2.85 6.49 -7.48
CA VAL B 200 2.07 5.43 -8.12
C VAL B 200 1.73 5.88 -9.55
N LYS B 201 2.02 5.06 -10.56
CA LYS B 201 1.57 5.35 -11.94
C LYS B 201 0.13 4.89 -12.19
N VAL B 202 -0.68 5.82 -12.64
CA VAL B 202 -2.01 5.56 -13.09
C VAL B 202 -1.92 4.92 -14.51
N CYS B 203 -2.45 3.69 -14.62
CA CYS B 203 -2.33 2.80 -15.79
C CYS B 203 -3.65 2.72 -16.49
N ALA B 204 -3.59 2.45 -17.79
CA ALA B 204 -4.81 2.18 -18.55
C ALA B 204 -4.49 1.15 -19.61
N LYS B 205 -5.52 0.61 -20.26
CA LYS B 205 -5.37 -0.35 -21.34
C LYS B 205 -6.45 -0.05 -22.39
N PHE B 206 -6.33 -0.65 -23.57
CA PHE B 206 -7.31 -0.47 -24.62
C PHE B 206 -7.20 -1.66 -25.57
N ASN B 207 -7.67 -2.84 -25.14
CA ASN B 207 -7.23 -4.10 -25.76
C ASN B 207 -8.36 -5.00 -26.31
N GLY B 208 -9.59 -4.51 -26.28
CA GLY B 208 -10.71 -5.31 -26.77
C GLY B 208 -11.23 -6.37 -25.80
N ALA B 209 -12.12 -7.21 -26.32
CA ALA B 209 -12.98 -8.13 -25.57
C ALA B 209 -12.32 -8.76 -24.35
N VAL B 210 -11.13 -9.36 -24.55
CA VAL B 210 -10.52 -10.22 -23.51
C VAL B 210 -9.06 -9.90 -23.25
N GLY B 211 -8.61 -8.78 -23.79
CA GLY B 211 -7.28 -8.26 -23.51
C GLY B 211 -6.25 -8.53 -24.61
N ASN B 212 -6.64 -9.25 -25.67
CA ASN B 212 -5.72 -9.83 -26.64
C ASN B 212 -5.71 -9.23 -28.04
N PHE B 213 -6.49 -8.17 -28.27
CA PHE B 213 -6.52 -7.58 -29.62
C PHE B 213 -7.06 -8.53 -30.68
N ASN B 214 -7.90 -9.46 -30.28
CA ASN B 214 -8.51 -10.42 -31.22
C ASN B 214 -9.10 -9.73 -32.45
N ALA B 215 -9.96 -8.75 -32.20
CA ALA B 215 -10.69 -8.03 -33.23
C ALA B 215 -9.69 -7.23 -34.06
N HIS B 216 -8.77 -6.56 -33.36
CA HIS B 216 -7.80 -5.65 -33.97
C HIS B 216 -6.90 -6.39 -34.94
N LYS B 217 -6.43 -7.57 -34.53
CA LYS B 217 -5.59 -8.40 -35.37
C LYS B 217 -6.27 -8.83 -36.72
N VAL B 218 -7.54 -9.20 -36.63
CA VAL B 218 -8.34 -9.55 -37.80
C VAL B 218 -8.56 -8.32 -38.70
N ALA B 219 -8.88 -7.16 -38.10
CA ALA B 219 -9.14 -5.92 -38.84
C ALA B 219 -7.92 -5.35 -39.55
N SER B 220 -6.74 -5.51 -38.95
CA SER B 220 -5.51 -4.87 -39.47
C SER B 220 -4.32 -5.71 -39.01
N LYS B 221 -3.98 -6.73 -39.79
CA LYS B 221 -3.01 -7.75 -39.39
C LYS B 221 -1.56 -7.23 -39.30
N ASP B 222 -1.24 -6.14 -40.00
CA ASP B 222 0.14 -5.66 -39.99
C ASP B 222 0.40 -4.51 -39.01
N THR B 223 -0.65 -4.13 -38.26
CA THR B 223 -0.55 -3.11 -37.23
C THR B 223 0.04 -3.74 -35.96
N ASP B 224 1.03 -3.05 -35.37
CA ASP B 224 1.50 -3.46 -34.08
C ASP B 224 0.58 -2.78 -33.09
N TRP B 225 -0.46 -3.49 -32.67
CA TRP B 225 -1.41 -2.93 -31.73
C TRP B 225 -0.84 -2.57 -30.36
N VAL B 226 0.18 -3.27 -29.86
CA VAL B 226 0.73 -2.89 -28.54
C VAL B 226 1.33 -1.45 -28.61
N ASN B 227 2.11 -1.19 -29.67
CA ASN B 227 2.72 0.11 -29.86
C ASN B 227 1.69 1.18 -30.17
N THR B 228 0.67 0.84 -30.97
CA THR B 228 -0.37 1.78 -31.42
C THR B 228 -1.24 2.24 -30.23
N ILE B 229 -1.58 1.30 -29.37
CA ILE B 229 -2.36 1.69 -28.19
C ILE B 229 -1.51 2.51 -27.17
N GLY B 230 -0.26 2.13 -26.98
CA GLY B 230 0.63 2.89 -26.12
C GLY B 230 0.70 4.33 -26.60
N LEU B 231 0.74 4.50 -27.93
CA LEU B 231 0.73 5.85 -28.50
C LEU B 231 -0.61 6.54 -28.22
N PHE B 232 -1.70 5.82 -28.44
CA PHE B 232 -3.01 6.40 -28.22
C PHE B 232 -3.16 6.92 -26.76
N LEU B 233 -2.74 6.12 -25.79
CA LEU B 233 -2.95 6.46 -24.39
C LEU B 233 -2.05 7.57 -23.93
N LYS B 234 -0.83 7.61 -24.49
CA LYS B 234 0.15 8.65 -24.13
C LYS B 234 -0.29 9.99 -24.75
N LYS B 235 -0.50 9.95 -26.07
CA LYS B 235 -0.84 11.16 -26.83
C LYS B 235 -2.21 11.79 -26.47
N HIS B 236 -3.22 10.97 -26.30
CA HIS B 236 -4.54 11.50 -26.05
C HIS B 236 -4.91 11.65 -24.58
N PHE B 237 -4.15 11.01 -23.69
CA PHE B 237 -4.53 10.99 -22.26
C PHE B 237 -3.38 11.20 -21.28
N ASN B 238 -2.14 11.20 -21.79
CA ASN B 238 -0.95 11.19 -20.94
C ASN B 238 -0.98 10.02 -19.92
N LEU B 239 -1.45 8.85 -20.37
CA LEU B 239 -1.50 7.70 -19.51
C LEU B 239 -0.44 6.66 -19.83
N THR B 240 0.10 6.06 -18.77
CA THR B 240 0.90 4.82 -18.81
C THR B 240 0.06 3.63 -19.26
N TYR B 241 0.64 2.77 -20.08
CA TYR B 241 -0.11 1.63 -20.63
C TYR B 241 0.24 0.35 -19.91
N SER B 242 -0.73 -0.25 -19.23
CA SER B 242 -0.56 -1.60 -18.71
C SER B 242 -1.05 -2.59 -19.75
N ILE B 243 -0.09 -3.23 -20.43
CA ILE B 243 -0.32 -4.11 -21.59
C ILE B 243 -1.16 -5.36 -21.26
N TYR B 244 -0.89 -5.97 -20.10
CA TYR B 244 -1.56 -7.21 -19.65
C TYR B 244 -2.85 -6.97 -18.95
N CYS B 245 -3.91 -7.55 -19.50
CA CYS B 245 -5.24 -7.38 -18.95
C CYS B 245 -6.08 -8.54 -19.50
N THR B 246 -7.24 -8.76 -18.87
CA THR B 246 -8.32 -9.55 -19.46
C THR B 246 -9.29 -8.57 -20.10
N GLN B 247 -10.59 -8.77 -19.90
CA GLN B 247 -11.54 -7.75 -20.31
C GLN B 247 -11.37 -6.47 -19.45
N ILE B 248 -10.86 -6.64 -18.23
CA ILE B 248 -10.67 -5.53 -17.31
C ILE B 248 -9.20 -5.21 -17.16
N GLN B 249 -8.94 -3.92 -16.94
CA GLN B 249 -7.65 -3.45 -16.40
C GLN B 249 -7.60 -4.04 -14.98
N ASP B 250 -6.43 -4.49 -14.53
CA ASP B 250 -6.37 -5.29 -13.31
C ASP B 250 -6.77 -4.55 -11.96
N HIS B 251 -6.74 -3.21 -11.98
CA HIS B 251 -7.10 -2.31 -10.87
C HIS B 251 -6.03 -2.23 -9.82
N ASP B 252 -4.89 -2.90 -10.03
CA ASP B 252 -3.86 -2.85 -8.99
C ASP B 252 -3.38 -1.42 -8.65
N TYR B 253 -3.31 -0.51 -9.63
CA TYR B 253 -2.86 0.86 -9.32
C TYR B 253 -3.87 1.59 -8.38
N ILE B 254 -5.17 1.29 -8.53
CA ILE B 254 -6.21 1.85 -7.64
C ILE B 254 -5.92 1.37 -6.20
N CYS B 255 -5.67 0.07 -6.05
CA CYS B 255 -5.36 -0.52 -4.75
C CYS B 255 -4.12 0.14 -4.14
N GLU B 256 -3.12 0.42 -4.97
CA GLU B 256 -1.90 1.06 -4.49
C GLU B 256 -2.18 2.44 -4.00
N LEU B 257 -2.96 3.20 -4.76
CA LEU B 257 -3.28 4.59 -4.40
C LEU B 257 -4.09 4.63 -3.14
N CYS B 258 -5.14 3.81 -3.10
CA CYS B 258 -6.01 3.74 -1.92
C CYS B 258 -5.26 3.32 -0.63
N ASP B 259 -4.37 2.35 -0.74
CA ASP B 259 -3.53 1.93 0.38
C ASP B 259 -2.67 3.12 0.86
N GLY B 260 -2.11 3.86 -0.07
CA GLY B 260 -1.32 5.06 0.23
C GLY B 260 -2.16 6.09 0.98
N LEU B 261 -3.33 6.46 0.42
CA LEU B 261 -4.23 7.36 1.11
C LEU B 261 -4.66 6.84 2.50
N ALA B 262 -4.90 5.55 2.60
CA ALA B 262 -5.26 4.91 3.87
C ALA B 262 -4.12 5.04 4.93
N ARG B 263 -2.86 4.93 4.52
CA ARG B 263 -1.76 5.15 5.47
C ARG B 263 -1.67 6.62 5.93
N ALA B 264 -1.89 7.54 4.98
CA ALA B 264 -1.98 8.97 5.28
C ALA B 264 -3.06 9.21 6.31
N ASN B 265 -4.22 8.61 6.06
CA ASN B 265 -5.38 8.72 6.94
C ASN B 265 -5.13 8.24 8.34
N GLY B 266 -4.42 7.12 8.44
CA GLY B 266 -3.97 6.58 9.73
C GLY B 266 -3.13 7.58 10.52
N THR B 267 -2.15 8.20 9.87
CA THR B 267 -1.34 9.29 10.45
C THR B 267 -2.24 10.45 10.90
N LEU B 268 -3.19 10.82 10.07
CA LEU B 268 -4.10 11.88 10.44
C LEU B 268 -5.01 11.52 11.58
N ILE B 269 -5.40 10.25 11.70
CA ILE B 269 -6.20 9.81 12.86
C ILE B 269 -5.33 9.93 14.13
N ASP B 270 -4.08 9.50 14.00
CA ASP B 270 -3.08 9.63 15.10
C ASP B 270 -2.97 11.12 15.55
N LEU B 271 -2.81 12.02 14.57
CA LEU B 271 -2.85 13.47 14.83
C LEU B 271 -4.13 13.94 15.54
N CYS B 272 -5.31 13.56 15.01
CA CYS B 272 -6.59 14.00 15.55
C CYS B 272 -6.72 13.61 16.99
N VAL B 273 -6.30 12.39 17.34
CA VAL B 273 -6.46 11.90 18.71
C VAL B 273 -5.44 12.60 19.63
N ASP B 274 -4.21 12.82 19.15
CA ASP B 274 -3.19 13.52 19.96
C ASP B 274 -3.66 14.93 20.25
N ILE B 275 -4.13 15.64 19.22
CA ILE B 275 -4.65 17.02 19.42
C ILE B 275 -5.82 17.02 20.43
N TRP B 276 -6.74 16.08 20.28
CA TRP B 276 -7.82 15.89 21.27
C TRP B 276 -7.26 15.72 22.70
N LEU B 277 -6.20 14.93 22.84
CA LEU B 277 -5.59 14.69 24.16
C LEU B 277 -4.84 15.93 24.69
N TYR B 278 -4.16 16.68 23.83
CA TYR B 278 -3.53 17.94 24.27
C TYR B 278 -4.58 18.92 24.77
N ILE B 279 -5.68 19.01 24.03
CA ILE B 279 -6.81 19.82 24.44
C ILE B 279 -7.45 19.31 25.72
N SER B 280 -7.62 18.01 25.85
CA SER B 280 -8.17 17.43 27.07
C SER B 280 -7.34 17.85 28.30
N ASN B 281 -6.02 17.95 28.09
CA ASN B 281 -5.09 18.23 29.16
C ASN B 281 -4.81 19.73 29.29
N ASN B 282 -5.58 20.52 28.55
CA ASN B 282 -5.59 21.98 28.64
C ASN B 282 -4.27 22.63 28.21
N LEU B 283 -3.55 21.96 27.33
CA LEU B 283 -2.26 22.47 26.87
C LEU B 283 -2.40 23.24 25.58
N LEU B 284 -3.53 23.02 24.91
CA LEU B 284 -3.92 23.75 23.73
C LEU B 284 -5.28 24.35 24.02
N LYS B 285 -5.53 25.49 23.42
CA LYS B 285 -6.86 26.09 23.47
C LYS B 285 -7.37 26.31 22.06
N LEU B 286 -8.70 26.35 21.97
CA LEU B 286 -9.40 26.57 20.71
C LEU B 286 -10.06 27.95 20.59
N LYS B 287 -9.86 28.60 19.45
CA LYS B 287 -10.61 29.82 19.08
C LYS B 287 -12.14 29.58 19.00
N VAL B 288 -12.89 30.39 19.76
CA VAL B 288 -14.38 30.45 19.70
C VAL B 288 -14.88 30.95 18.33
N GLY B 294 -20.94 26.36 21.36
CA GLY B 294 -19.87 25.46 21.81
C GLY B 294 -20.42 24.23 22.52
N SER B 295 -20.70 24.41 23.81
CA SER B 295 -21.49 23.48 24.61
C SER B 295 -22.88 24.11 24.76
N SER B 296 -23.91 23.27 24.60
CA SER B 296 -25.28 23.75 24.64
C SER B 296 -25.74 24.07 26.07
N THR B 297 -24.94 23.66 27.06
CA THR B 297 -25.27 23.87 28.49
C THR B 297 -24.22 24.66 29.32
N MET B 298 -22.95 24.68 28.90
CA MET B 298 -21.86 25.37 29.65
C MET B 298 -21.26 26.52 28.82
N PRO B 299 -21.44 27.79 29.26
CA PRO B 299 -21.18 28.98 28.41
C PRO B 299 -19.76 29.17 27.86
N HIS B 300 -18.73 28.75 28.57
CA HIS B 300 -17.38 28.97 28.03
C HIS B 300 -16.74 27.70 27.46
N LYS B 301 -17.48 26.59 27.41
CA LYS B 301 -16.90 25.33 26.91
C LYS B 301 -16.78 25.32 25.38
N VAL B 302 -15.57 25.08 24.86
CA VAL B 302 -15.32 24.99 23.42
C VAL B 302 -14.68 23.61 23.16
N ASN B 303 -15.30 22.80 22.30
CA ASN B 303 -14.91 21.41 22.09
C ASN B 303 -14.17 21.20 20.76
N PRO B 304 -13.23 20.23 20.70
CA PRO B 304 -12.47 19.96 19.46
C PRO B 304 -13.33 19.20 18.43
N ILE B 305 -14.53 19.69 18.14
CA ILE B 305 -15.46 18.95 17.27
C ILE B 305 -14.99 18.80 15.82
N ASP B 306 -14.07 19.66 15.36
CA ASP B 306 -13.51 19.47 14.03
C ASP B 306 -12.58 18.26 13.96
N PHE B 307 -11.71 18.11 14.93
CA PHE B 307 -10.87 16.91 15.04
C PHE B 307 -11.71 15.63 15.19
N GLU B 308 -12.80 15.71 15.95
CA GLU B 308 -13.65 14.52 16.20
C GLU B 308 -14.36 14.10 14.91
N ASN B 309 -14.84 15.09 14.16
CA ASN B 309 -15.56 14.85 12.92
C ASN B 309 -14.58 14.26 11.90
N ALA B 310 -13.36 14.82 11.85
CA ALA B 310 -12.30 14.32 11.01
C ALA B 310 -11.97 12.87 11.36
N GLU B 311 -11.85 12.55 12.66
CA GLU B 311 -11.48 11.19 13.07
C GLU B 311 -12.51 10.17 12.53
N GLY B 312 -13.80 10.44 12.71
CA GLY B 312 -14.87 9.60 12.12
C GLY B 312 -14.75 9.39 10.62
N ASN B 313 -14.58 10.47 9.85
CA ASN B 313 -14.57 10.37 8.41
C ASN B 313 -13.31 9.73 7.84
N LEU B 314 -12.18 9.86 8.55
CA LEU B 314 -10.97 9.14 8.18
C LEU B 314 -11.21 7.64 8.34
N HIS B 315 -11.88 7.21 9.42
CA HIS B 315 -12.21 5.79 9.56
C HIS B 315 -13.14 5.29 8.45
N ILE B 316 -14.13 6.12 8.09
CA ILE B 316 -15.04 5.73 6.99
C ILE B 316 -14.29 5.62 5.66
N ALA B 317 -13.50 6.66 5.32
CA ALA B 317 -12.68 6.60 4.11
C ALA B 317 -11.87 5.28 4.13
N ASN B 318 -11.23 4.97 5.28
CA ASN B 318 -10.43 3.75 5.33
C ASN B 318 -11.22 2.47 5.19
N ALA B 319 -12.47 2.45 5.64
CA ALA B 319 -13.34 1.30 5.31
C ALA B 319 -13.51 1.01 3.80
N PHE B 320 -13.81 2.05 3.03
CA PHE B 320 -13.86 1.94 1.58
C PHE B 320 -12.51 1.43 1.02
N PHE B 321 -11.43 2.08 1.48
CA PHE B 321 -10.10 1.77 0.97
C PHE B 321 -9.75 0.30 1.26
N LYS B 322 -10.03 -0.20 2.47
CA LYS B 322 -9.81 -1.63 2.72
C LYS B 322 -10.70 -2.51 1.82
N LEU B 323 -11.96 -2.10 1.61
CA LEU B 323 -12.84 -2.81 0.67
C LEU B 323 -12.21 -2.92 -0.74
N PHE B 324 -11.77 -1.76 -1.27
CA PHE B 324 -11.15 -1.75 -2.59
C PHE B 324 -9.97 -2.70 -2.69
N SER B 325 -8.98 -2.58 -1.80
N SER B 325 -9.00 -2.59 -1.78
CA SER B 325 -7.78 -3.40 -1.98
CA SER B 325 -7.78 -3.40 -1.93
C SER B 325 -8.07 -4.88 -1.76
C SER B 325 -8.00 -4.87 -1.64
N SER B 326 -9.16 -5.19 -1.05
CA SER B 326 -9.53 -6.57 -0.79
C SER B 326 -10.30 -7.20 -1.97
N LYS B 327 -11.23 -6.46 -2.57
CA LYS B 327 -12.12 -7.02 -3.58
C LYS B 327 -11.70 -6.72 -5.02
N LEU B 328 -11.14 -5.55 -5.29
CA LEU B 328 -10.75 -5.23 -6.67
C LEU B 328 -9.74 -6.18 -7.33
N PRO B 329 -8.77 -6.72 -6.54
CA PRO B 329 -7.79 -7.61 -7.15
C PRO B 329 -8.31 -8.95 -7.66
N THR B 330 -9.56 -9.33 -7.33
CA THR B 330 -10.10 -10.59 -7.78
C THR B 330 -11.28 -10.43 -8.73
N SER B 331 -11.31 -11.23 -9.79
N SER B 331 -11.24 -11.21 -9.79
CA SER B 331 -12.38 -11.16 -10.81
CA SER B 331 -12.33 -11.30 -10.72
C SER B 331 -12.34 -12.46 -11.60
C SER B 331 -12.30 -12.74 -11.14
N ARG B 332 -13.44 -13.23 -11.59
CA ARG B 332 -13.45 -14.63 -12.01
C ARG B 332 -13.11 -14.71 -13.48
N LEU B 333 -12.05 -15.45 -13.80
CA LEU B 333 -11.61 -15.70 -15.21
C LEU B 333 -11.40 -14.36 -15.93
N GLN B 334 -11.94 -14.17 -17.14
CA GLN B 334 -11.57 -13.00 -17.95
C GLN B 334 -12.47 -11.81 -17.62
N ARG B 335 -13.37 -12.03 -16.64
CA ARG B 335 -13.90 -11.02 -15.65
C ARG B 335 -15.32 -11.42 -15.17
N ASP B 336 -15.64 -11.00 -13.95
CA ASP B 336 -17.04 -10.93 -13.53
C ASP B 336 -17.34 -9.46 -13.31
N LEU B 337 -18.62 -9.12 -13.34
CA LEU B 337 -19.01 -7.73 -13.33
C LEU B 337 -19.13 -7.11 -11.96
N SER B 338 -18.80 -7.84 -10.89
CA SER B 338 -19.05 -7.28 -9.56
C SER B 338 -18.14 -6.04 -9.26
N ASP B 339 -17.01 -5.92 -9.97
CA ASP B 339 -16.15 -4.76 -9.84
C ASP B 339 -16.77 -3.46 -10.32
N SER B 340 -17.67 -3.51 -11.30
CA SER B 340 -18.27 -2.30 -11.83
C SER B 340 -18.98 -1.47 -10.74
N THR B 341 -19.80 -2.08 -9.89
CA THR B 341 -20.49 -1.25 -8.90
C THR B 341 -19.55 -0.77 -7.83
N VAL B 342 -18.57 -1.61 -7.49
CA VAL B 342 -17.60 -1.25 -6.48
C VAL B 342 -16.89 0.04 -6.89
N LEU B 343 -16.47 0.07 -8.14
CA LEU B 343 -15.70 1.23 -8.67
C LEU B 343 -16.49 2.53 -8.63
N ARG B 344 -17.82 2.42 -8.67
CA ARG B 344 -18.67 3.62 -8.59
C ARG B 344 -18.59 4.31 -7.25
N ASN B 345 -17.93 3.69 -6.28
CA ASN B 345 -17.74 4.24 -4.96
C ASN B 345 -16.37 4.85 -4.73
N ILE B 346 -15.51 4.87 -5.74
CA ILE B 346 -14.22 5.60 -5.59
C ILE B 346 -14.50 7.07 -5.17
N GLY B 347 -15.45 7.70 -5.86
CA GLY B 347 -15.80 9.09 -5.52
C GLY B 347 -16.17 9.28 -4.05
N SER B 348 -17.04 8.40 -3.54
CA SER B 348 -17.46 8.41 -2.13
C SER B 348 -16.26 8.32 -1.18
N SER B 349 -15.35 7.39 -1.46
CA SER B 349 -14.16 7.19 -0.65
C SER B 349 -13.36 8.50 -0.55
N LEU B 350 -13.16 9.17 -1.69
CA LEU B 350 -12.38 10.42 -1.71
C LEU B 350 -13.16 11.62 -1.10
N ALA B 351 -14.48 11.61 -1.21
CA ALA B 351 -15.32 12.56 -0.46
C ALA B 351 -15.12 12.44 1.04
N TYR B 352 -15.18 11.23 1.61
CA TYR B 352 -14.86 11.06 3.02
C TYR B 352 -13.45 11.59 3.39
N CYS B 353 -12.44 11.27 2.56
CA CYS B 353 -11.11 11.91 2.73
C CYS B 353 -11.25 13.44 2.74
N LEU B 354 -11.99 14.01 1.77
CA LEU B 354 -11.98 15.49 1.65
C LEU B 354 -12.69 16.15 2.82
N ILE B 355 -13.78 15.55 3.25
CA ILE B 355 -14.51 16.02 4.43
C ILE B 355 -13.60 15.99 5.66
N ALA B 356 -12.92 14.85 5.86
CA ALA B 356 -11.97 14.75 6.96
C ALA B 356 -10.82 15.75 6.82
N TYR B 357 -10.25 15.90 5.63
CA TYR B 357 -9.08 16.79 5.48
C TYR B 357 -9.44 18.26 5.73
N LYS B 358 -10.60 18.67 5.20
CA LYS B 358 -11.08 20.02 5.46
C LYS B 358 -11.41 20.24 6.95
N SER B 359 -11.98 19.24 7.65
CA SER B 359 -12.15 19.36 9.11
C SER B 359 -10.82 19.46 9.86
N VAL B 360 -9.84 18.64 9.49
CA VAL B 360 -8.50 18.78 10.06
C VAL B 360 -7.95 20.21 9.92
N LEU B 361 -7.98 20.75 8.71
CA LEU B 361 -7.54 22.14 8.45
C LEU B 361 -8.25 23.19 9.30
N LYS B 362 -9.56 22.99 9.50
CA LYS B 362 -10.41 23.89 10.25
C LYS B 362 -10.01 23.82 11.74
N GLY B 363 -9.88 22.59 12.26
CA GLY B 363 -9.38 22.37 13.60
C GLY B 363 -7.98 22.97 13.82
N LEU B 364 -7.04 22.71 12.92
CA LEU B 364 -5.66 23.14 13.15
C LEU B 364 -5.53 24.66 13.21
N ASN B 365 -6.33 25.34 12.38
CA ASN B 365 -6.36 26.78 12.38
C ASN B 365 -7.02 27.40 13.61
N LYS B 366 -7.63 26.57 14.44
CA LYS B 366 -8.25 27.04 15.68
C LYS B 366 -7.34 26.94 16.91
N ILE B 367 -6.29 26.13 16.81
CA ILE B 367 -5.46 25.86 17.96
C ILE B 367 -4.44 26.97 18.28
N ASP B 368 -4.31 27.22 19.57
CA ASP B 368 -3.20 27.99 20.10
C ASP B 368 -2.67 27.23 21.31
N ILE B 369 -1.41 27.49 21.65
CA ILE B 369 -0.83 26.93 22.87
C ILE B 369 -1.34 27.62 24.13
N ASP B 370 -1.38 26.90 25.23
CA ASP B 370 -1.70 27.53 26.51
C ASP B 370 -0.43 27.50 27.33
N ARG B 371 0.39 28.55 27.16
CA ARG B 371 1.74 28.62 27.76
C ARG B 371 1.74 28.40 29.27
N ARG B 372 0.84 29.07 29.98
CA ARG B 372 0.84 28.95 31.44
C ARG B 372 0.60 27.49 31.84
N ASN B 373 -0.36 26.83 31.20
CA ASN B 373 -0.66 25.43 31.52
C ASN B 373 0.48 24.50 31.12
N LEU B 374 1.09 24.74 29.95
CA LEU B 374 2.28 24.04 29.52
C LEU B 374 3.40 24.16 30.58
N GLU B 375 3.68 25.41 31.01
CA GLU B 375 4.72 25.66 32.01
C GLU B 375 4.42 25.04 33.39
N GLU B 376 3.21 25.22 33.91
CA GLU B 376 2.87 24.66 35.23
C GLU B 376 3.02 23.15 35.27
N GLU B 377 2.51 22.48 34.24
CA GLU B 377 2.67 21.04 34.15
C GLU B 377 4.15 20.64 34.20
N LEU B 378 4.98 21.26 33.36
CA LEU B 378 6.41 20.90 33.36
C LEU B 378 7.04 21.08 34.75
N ASN B 379 6.66 22.16 35.42
CA ASN B 379 7.29 22.53 36.69
C ASN B 379 6.79 21.67 37.85
N GLN B 380 5.77 20.87 37.57
CA GLN B 380 5.25 19.91 38.53
C GLN B 380 5.69 18.49 38.19
N ASN B 381 6.66 18.34 37.28
CA ASN B 381 7.08 16.99 36.87
C ASN B 381 8.59 16.77 36.82
N TRP B 382 9.24 17.18 37.92
CA TRP B 382 10.67 17.10 38.14
C TRP B 382 11.21 15.66 38.14
N SER B 383 10.37 14.70 38.50
CA SER B 383 10.76 13.28 38.33
C SER B 383 11.35 12.92 36.93
N THR B 384 10.98 13.64 35.87
CA THR B 384 11.50 13.39 34.50
C THR B 384 12.98 13.73 34.32
N LEU B 385 13.57 14.34 35.34
CA LEU B 385 14.99 14.64 35.35
C LEU B 385 15.85 13.47 35.88
N ALA B 386 15.20 12.36 36.25
CA ALA B 386 15.92 11.17 36.71
C ALA B 386 17.01 10.72 35.73
N GLU B 387 16.64 10.58 34.46
CA GLU B 387 17.56 10.09 33.44
C GLU B 387 18.80 10.97 33.25
N PRO B 388 18.64 12.28 32.99
CA PRO B 388 19.91 13.02 32.75
C PRO B 388 20.86 13.04 33.98
N ILE B 389 20.33 12.98 35.19
CA ILE B 389 21.16 12.90 36.41
C ILE B 389 21.96 11.59 36.38
N GLN B 390 21.26 10.48 36.13
CA GLN B 390 21.92 9.17 36.01
C GLN B 390 22.93 9.11 34.92
N ILE B 391 22.62 9.70 33.77
CA ILE B 391 23.50 9.73 32.60
C ILE B 391 24.87 10.40 32.91
N VAL B 392 24.80 11.56 33.57
CA VAL B 392 25.96 12.33 34.06
C VAL B 392 26.72 11.58 35.16
N MET B 393 26.02 11.07 36.17
CA MET B 393 26.65 10.20 37.17
C MET B 393 27.49 9.09 36.53
N LYS B 394 26.87 8.37 35.57
CA LYS B 394 27.54 7.31 34.83
C LYS B 394 28.73 7.78 34.00
N ARG B 395 28.64 8.95 33.41
CA ARG B 395 29.74 9.49 32.61
C ARG B 395 31.00 9.72 33.48
N HIS B 396 30.75 9.97 34.76
CA HIS B 396 31.82 10.15 35.76
C HIS B 396 32.03 8.92 36.66
N ASN B 397 31.77 7.74 36.09
CA ASN B 397 32.09 6.42 36.64
C ASN B 397 31.26 5.86 37.80
N TYR B 398 30.18 6.56 38.14
CA TYR B 398 29.22 6.07 39.12
C TYR B 398 28.61 4.75 38.65
N VAL B 399 28.42 3.83 39.58
CA VAL B 399 27.90 2.50 39.31
C VAL B 399 26.51 2.38 39.95
N ASP B 400 25.56 1.80 39.21
CA ASP B 400 24.17 1.64 39.68
C ASP B 400 23.49 2.97 40.09
N ALA B 401 23.56 3.97 39.20
CA ALA B 401 22.95 5.27 39.44
C ALA B 401 21.41 5.22 39.73
N TYR B 402 20.70 4.38 38.99
CA TYR B 402 19.26 4.24 39.15
C TYR B 402 18.89 3.75 40.55
N GLU B 403 19.61 2.73 41.03
CA GLU B 403 19.41 2.24 42.40
C GLU B 403 19.72 3.30 43.47
N GLU B 404 20.74 4.12 43.24
CA GLU B 404 21.03 5.24 44.15
C GLU B 404 19.87 6.22 44.25
N LEU B 405 19.29 6.57 43.10
CA LEU B 405 18.16 7.49 43.08
C LEU B 405 16.91 6.84 43.69
N LYS B 406 16.64 5.59 43.30
CA LYS B 406 15.58 4.78 43.91
C LYS B 406 15.68 4.76 45.45
N GLN B 407 16.86 4.42 45.99
CA GLN B 407 17.09 4.40 47.47
C GLN B 407 16.74 5.74 48.12
N PHE B 408 17.19 6.82 47.49
CA PHE B 408 17.04 8.16 48.03
C PHE B 408 15.59 8.63 48.06
N THR B 409 14.81 8.22 47.05
CA THR B 409 13.43 8.72 46.89
C THR B 409 12.41 7.76 47.55
N ARG B 410 12.92 6.66 48.09
CA ARG B 410 12.06 5.63 48.69
C ARG B 410 11.11 6.20 49.74
N GLY B 411 9.81 5.98 49.52
CA GLY B 411 8.79 6.49 50.42
C GLY B 411 8.57 7.99 50.38
N LYS B 412 9.17 8.68 49.40
CA LYS B 412 8.97 10.13 49.26
C LYS B 412 8.18 10.46 47.98
N VAL B 413 7.46 11.57 48.01
CA VAL B 413 6.82 12.07 46.81
C VAL B 413 7.84 12.94 46.07
N ILE B 414 8.26 12.48 44.90
CA ILE B 414 9.35 13.14 44.16
C ILE B 414 8.92 14.52 43.69
N ASP B 415 9.72 15.54 44.01
CA ASP B 415 9.43 16.90 43.55
C ASP B 415 10.75 17.63 43.25
N GLN B 416 10.64 18.91 42.90
CA GLN B 416 11.83 19.72 42.64
C GLN B 416 12.84 19.70 43.78
N LYS B 417 12.35 19.87 45.02
CA LYS B 417 13.23 19.98 46.19
C LYS B 417 14.06 18.71 46.36
N ILE B 418 13.40 17.55 46.34
CA ILE B 418 14.02 16.22 46.40
C ILE B 418 15.01 15.94 45.26
N MET B 419 14.63 16.27 44.03
CA MET B 419 15.53 16.08 42.89
C MET B 419 16.78 16.93 42.99
N GLN B 420 16.62 18.16 43.46
CA GLN B 420 17.77 19.07 43.56
C GLN B 420 18.60 18.82 44.82
N GLU B 421 17.97 18.36 45.89
CA GLU B 421 18.70 17.81 47.04
C GLU B 421 19.54 16.55 46.68
N PHE B 422 18.97 15.65 45.87
CA PHE B 422 19.74 14.56 45.33
C PHE B 422 20.98 15.03 44.55
N ILE B 423 20.82 16.03 43.68
CA ILE B 423 21.97 16.55 42.93
C ILE B 423 23.00 17.14 43.91
N LYS B 424 22.56 17.98 44.84
CA LYS B 424 23.45 18.65 45.81
C LYS B 424 24.22 17.69 46.74
N THR B 425 23.56 16.66 47.23
CA THR B 425 24.15 15.84 48.27
C THR B 425 24.57 14.45 47.83
N LYS B 426 24.16 14.03 46.63
CA LYS B 426 24.55 12.72 46.12
C LYS B 426 25.37 12.81 44.86
N CYS B 427 25.40 13.99 44.24
CA CYS B 427 26.20 14.18 43.04
C CYS B 427 27.35 15.16 43.25
N ALA B 428 27.67 15.48 44.51
CA ALA B 428 28.71 16.49 44.78
C ALA B 428 30.10 16.08 44.37
N PHE B 429 30.29 14.78 44.19
CA PHE B 429 31.54 14.25 43.64
C PHE B 429 31.88 14.69 42.19
N LEU B 430 30.88 15.18 41.46
CA LEU B 430 31.05 15.67 40.08
C LEU B 430 31.87 16.96 40.05
N PRO B 431 32.53 17.26 38.90
CA PRO B 431 33.20 18.57 38.84
C PRO B 431 32.15 19.64 39.14
N GLN B 432 32.52 20.69 39.85
CA GLN B 432 31.51 21.68 40.27
C GLN B 432 30.78 22.36 39.09
N ASP B 433 31.42 22.47 37.94
CA ASP B 433 30.73 23.02 36.76
C ASP B 433 29.60 22.11 36.27
N VAL B 434 29.86 20.79 36.29
CA VAL B 434 28.84 19.77 36.00
C VAL B 434 27.74 19.79 37.05
N VAL B 435 28.10 19.93 38.33
CA VAL B 435 27.09 20.05 39.37
C VAL B 435 26.20 21.28 39.13
N ASP B 436 26.82 22.41 38.79
CA ASP B 436 26.07 23.64 38.53
C ASP B 436 25.10 23.50 37.35
N GLN B 437 25.54 22.84 36.27
CA GLN B 437 24.69 22.56 35.13
C GLN B 437 23.53 21.63 35.44
N LEU B 438 23.76 20.59 36.24
CA LEU B 438 22.66 19.78 36.76
C LEU B 438 21.63 20.60 37.52
N LEU B 439 22.12 21.54 38.34
CA LEU B 439 21.27 22.42 39.14
C LEU B 439 20.53 23.48 38.30
N GLU B 440 21.01 23.76 37.11
CA GLU B 440 20.29 24.68 36.19
C GLU B 440 19.25 23.98 35.28
N LEU B 441 19.29 22.65 35.22
CA LEU B 441 18.35 21.87 34.42
C LEU B 441 16.95 21.96 35.03
N THR B 442 15.95 22.18 34.17
CA THR B 442 14.54 22.06 34.59
C THR B 442 13.83 21.14 33.59
N PRO B 443 12.66 20.61 33.97
CA PRO B 443 11.90 19.88 32.94
C PRO B 443 11.62 20.71 31.66
N ALA B 444 11.33 22.01 31.79
CA ALA B 444 11.21 22.90 30.61
C ALA B 444 12.47 23.03 29.74
N THR B 445 13.67 22.92 30.32
CA THR B 445 14.89 23.09 29.51
C THR B 445 15.48 21.74 29.10
N TYR B 446 14.95 20.64 29.63
CA TYR B 446 15.46 19.30 29.25
C TYR B 446 14.67 18.82 28.02
N THR B 447 14.91 19.41 26.85
CA THR B 447 14.10 19.07 25.67
C THR B 447 14.94 18.51 24.51
N GLY B 448 16.21 18.17 24.79
CA GLY B 448 17.11 17.65 23.80
C GLY B 448 17.18 18.60 22.62
N TYR B 449 17.27 18.05 21.40
CA TYR B 449 17.29 18.84 20.18
C TYR B 449 15.91 18.97 19.53
N ALA B 450 14.87 18.94 20.34
CA ALA B 450 13.48 19.11 19.83
C ALA B 450 13.32 20.39 19.01
N ASP B 451 13.95 21.50 19.46
CA ASP B 451 13.80 22.78 18.78
C ASP B 451 14.52 22.78 17.42
N TYR B 452 15.78 22.35 17.42
CA TYR B 452 16.51 22.21 16.18
C TYR B 452 15.72 21.33 15.17
N LEU B 453 15.32 20.13 15.62
CA LEU B 453 14.60 19.17 14.75
C LEU B 453 13.27 19.76 14.24
N ALA B 454 12.48 20.34 15.12
CA ALA B 454 11.22 21.00 14.74
C ALA B 454 11.40 22.08 13.66
N LYS B 455 12.35 23.01 13.84
CA LYS B 455 12.48 24.08 12.85
C LYS B 455 13.17 23.66 11.57
N ASN B 456 13.88 22.54 11.62
CA ASN B 456 14.61 22.02 10.43
C ASN B 456 13.95 20.83 9.73
N VAL B 457 12.67 20.61 10.02
CA VAL B 457 11.98 19.41 9.53
C VAL B 457 11.85 19.38 8.00
N GLU B 458 11.61 20.53 7.37
CA GLU B 458 11.52 20.52 5.91
C GLU B 458 12.77 19.92 5.27
N ARG B 459 13.93 20.30 5.80
CA ARG B 459 15.24 19.93 5.25
C ARG B 459 15.63 18.52 5.68
N LEU B 460 15.33 18.16 6.93
CA LEU B 460 15.83 16.90 7.52
C LEU B 460 14.90 15.70 7.41
N SER B 461 13.61 15.93 7.14
CA SER B 461 12.73 14.80 6.92
C SER B 461 13.20 14.10 5.62
N GLY B 462 13.09 12.77 5.57
CA GLY B 462 13.55 12.01 4.39
C GLY B 462 12.66 12.16 3.15
CA CA C . -18.26 -26.38 -17.11
S SO4 D . -7.15 -8.73 -44.76
O1 SO4 D . -8.19 -9.11 -43.80
O2 SO4 D . -7.70 -7.84 -45.79
O3 SO4 D . -6.04 -8.04 -44.10
O4 SO4 D . -6.65 -9.96 -45.37
S SO4 E . -19.79 -9.71 -22.74
O1 SO4 E . -20.44 -11.00 -22.50
O2 SO4 E . -20.44 -8.79 -21.81
O3 SO4 E . -18.32 -9.88 -22.57
O4 SO4 E . -20.06 -9.20 -24.11
P AMP F . 4.02 -7.28 25.52
O1P AMP F . 4.53 -7.00 24.12
O2P AMP F . 2.86 -6.38 25.95
O3P AMP F . 3.87 -8.75 25.88
O5' AMP F . 5.26 -6.84 26.47
C5' AMP F . 5.69 -5.48 26.58
C4' AMP F . 7.07 -5.50 27.20
O4' AMP F . 7.67 -4.24 27.00
C3' AMP F . 7.03 -5.72 28.71
O3' AMP F . 8.16 -6.58 29.06
C2' AMP F . 7.16 -4.32 29.28
O2' AMP F . 7.75 -4.20 30.59
C1' AMP F . 8.10 -3.72 28.26
N9 AMP F . 8.10 -2.24 28.27
C8 AMP F . 7.55 -1.50 29.26
N7 AMP F . 7.68 -0.18 28.99
C5 AMP F . 8.31 -0.10 27.80
C6 AMP F . 8.75 1.01 26.96
N6 AMP F . 8.50 2.27 27.38
N1 AMP F . 9.36 0.70 25.78
C2 AMP F . 9.56 -0.58 25.36
N3 AMP F . 9.20 -1.63 26.10
C4 AMP F . 8.58 -1.45 27.31
CA CA G . -4.86 15.76 32.62
S SO4 H . 29.37 18.94 30.32
O1 SO4 H . 30.54 18.98 31.22
O2 SO4 H . 28.26 18.26 30.98
O3 SO4 H . 28.98 20.31 29.96
O4 SO4 H . 29.76 18.24 29.09
S SO4 I . 8.66 4.71 30.23
O1 SO4 I . 8.51 3.29 29.92
O2 SO4 I . 7.52 5.10 31.07
O3 SO4 I . 9.92 4.87 30.96
O4 SO4 I . 8.73 5.56 29.02
P AMP J . -23.69 -1.69 -12.38
O1P AMP J . -24.84 -0.89 -11.78
O2P AMP J . -23.65 -3.16 -11.97
O3P AMP J . -22.35 -1.02 -12.13
O5' AMP J . -23.93 -1.65 -13.97
C5' AMP J . -23.08 -2.32 -14.90
C4' AMP J . -23.30 -1.81 -16.31
O4' AMP J . -22.38 -2.53 -17.11
C3' AMP J . -24.68 -2.15 -16.90
O3' AMP J . -25.15 -1.03 -17.67
C2' AMP J . -24.43 -3.38 -17.75
O2' AMP J . -25.31 -3.58 -18.86
C1' AMP J . -23.03 -3.08 -18.24
N9 AMP J . -22.23 -4.20 -18.78
C8 AMP J . -22.74 -5.41 -19.14
N7 AMP J . -21.73 -6.21 -19.59
C5 AMP J . -20.60 -5.48 -19.53
C6 AMP J . -19.19 -5.74 -19.89
N6 AMP J . -18.87 -6.97 -20.37
N1 AMP J . -18.30 -4.73 -19.66
C2 AMP J . -18.65 -3.51 -19.13
N3 AMP J . -19.92 -3.21 -18.83
C4 AMP J . -20.92 -4.15 -19.00
#